data_8E0F
#
_entry.id   8E0F
#
_cell.length_a   171.518
_cell.length_b   63.389
_cell.length_c   142.135
_cell.angle_alpha   90.000
_cell.angle_beta   117.690
_cell.angle_gamma   90.000
#
_symmetry.space_group_name_H-M   'C 1 2 1'
#
loop_
_entity.id
_entity.type
_entity.pdbx_description
1 polymer 'Double-stranded RNA-specific editase 1'
2 polymer 'RNA (5-R(*GP*CP*UP*CP*GP*CP*GP*AP*UP*GP*CP*GP*(8AZ)P*GP*AP*GP*GP*GP*CP* UP*CP*UP*GP*AP*UP*AP*GP*CP*UP*AP*CP*G)-3)'
3 polymer RNA(5-R(*CP*GP*UP*AP*GP*CP*UP*AP*UP*CP*AP*GP*AP*GP*CP*CP*CP*CP*CP*CP*GP*GP*CP*AP*UP*CP*GP*CP*GP*AP*GP*C)-3)
4 non-polymer 'INOSITOL HEXAKISPHOSPHATE'
5 non-polymer 'ZINC ION'
6 water water
#
loop_
_entity_poly.entity_id
_entity_poly.type
_entity_poly.pdbx_seq_one_letter_code
_entity_poly.pdbx_strand_id
1 'polypeptide(L)'
;GASLAQPPLPVLPPFPPPSGKNPVMILNELRPGLKYDFLSESGESHAKSFVMSVVVDGQFFEGSGRNKKLAKARAAQSAL
AAIFNLHLDQTPSRQPIPSEGLQLHLPQVLADAVSRLVLGKFGDLTDNFSSPHARRKVLAGVVMTTGTDVKDAKVISVST
GTKCINGEYMSDRGLALNDCHAEIISRRSLLRFLYTQLELYLNNKDDQKRSIFQKSERGGFRLKENVQFHLYISTSPCGD
ARIFSPHEPILEEPADRHPNRKARGQLRTKIESGQGTIPVRSNASIQTWDGVLQGERLLTMSCSDKIARWNVVGIQGSLL
SIFVEPIYFSSIILGSLYHGDHLSRAMYQRISNIEDLPPLYTLNKPLLSGISNAEARQPGKAPNFSVNWTVGDSAIEVIN
ATTGKDELGRASRLCKHALYCRWMRVHGKVPSHLLRSKITKPNVYHESKLAAKEYQAAKARLFTAFIKAGLGAWVEKPTE
QDQFSLTP
;
A,B
2 'polyribonucleotide' GCUCGCGAUGCG(8AZ)GAGGGCUCUGAUAGCUACG C
3 'polyribonucleotide' CGUAGCUAUCAGAGCCCCCCGGCAUCGCGAGC D
#
# COMPACT_ATOMS: atom_id res chain seq x y z
N GLN A 103 44.57 -12.19 23.81
CA GLN A 103 43.93 -13.17 24.67
C GLN A 103 43.31 -14.27 23.82
N LEU A 104 42.61 -15.21 24.46
CA LEU A 104 42.10 -16.43 23.86
C LEU A 104 40.59 -16.22 23.73
N HIS A 105 39.82 -17.27 23.38
CA HIS A 105 38.38 -17.05 23.19
C HIS A 105 37.41 -17.98 23.91
N LEU A 106 37.50 -17.88 25.22
CA LEU A 106 36.56 -18.41 26.17
C LEU A 106 35.26 -17.70 25.78
N PRO A 107 34.13 -18.40 25.60
CA PRO A 107 32.92 -17.72 25.08
C PRO A 107 32.65 -16.37 25.75
N GLN A 108 32.66 -16.26 27.08
CA GLN A 108 32.34 -14.97 27.70
C GLN A 108 33.40 -13.93 27.35
N VAL A 109 34.66 -14.35 27.23
CA VAL A 109 35.73 -13.45 26.79
C VAL A 109 35.39 -12.88 25.42
N LEU A 110 34.98 -13.74 24.49
CA LEU A 110 34.59 -13.28 23.16
C LEU A 110 33.42 -12.31 23.22
N ALA A 111 32.39 -12.63 24.03
CA ALA A 111 31.22 -11.74 24.11
C ALA A 111 31.63 -10.35 24.56
N ASP A 112 32.43 -10.28 25.62
CA ASP A 112 32.89 -9.00 26.13
C ASP A 112 33.78 -8.29 25.10
N ALA A 113 34.61 -9.05 24.38
CA ALA A 113 35.45 -8.41 23.38
C ALA A 113 34.63 -7.76 22.28
N VAL A 114 33.65 -8.50 21.71
CA VAL A 114 32.88 -7.92 20.62
C VAL A 114 32.06 -6.73 21.11
N SER A 115 31.52 -6.82 22.33
CA SER A 115 30.75 -5.67 22.79
C SER A 115 31.64 -4.45 22.94
N ARG A 116 32.84 -4.62 23.52
CA ARG A 116 33.74 -3.49 23.68
CA ARG A 116 33.74 -3.49 23.68
C ARG A 116 34.17 -2.91 22.33
N LEU A 117 34.34 -3.78 21.33
CA LEU A 117 34.78 -3.28 20.04
C LEU A 117 33.69 -2.51 19.31
N VAL A 118 32.46 -3.03 19.32
CA VAL A 118 31.41 -2.32 18.59
C VAL A 118 31.16 -0.97 19.26
N LEU A 119 31.03 -0.96 20.60
CA LEU A 119 30.81 0.31 21.30
C LEU A 119 31.95 1.28 21.04
N GLY A 120 33.20 0.79 21.09
CA GLY A 120 34.35 1.62 20.87
C GLY A 120 34.38 2.22 19.48
N LYS A 121 34.06 1.40 18.46
CA LYS A 121 34.07 1.88 17.08
C LYS A 121 33.00 2.96 16.93
N PHE A 122 31.81 2.74 17.50
CA PHE A 122 30.75 3.76 17.48
C PHE A 122 31.24 5.04 18.10
N GLY A 123 32.01 4.93 19.19
CA GLY A 123 32.53 6.12 19.84
C GLY A 123 33.49 6.86 18.93
N ASP A 124 34.38 6.12 18.28
CA ASP A 124 35.31 6.74 17.35
C ASP A 124 34.54 7.51 16.28
N LEU A 125 33.43 6.93 15.81
CA LEU A 125 32.62 7.54 14.76
C LEU A 125 31.76 8.71 15.22
N THR A 126 31.53 8.86 16.53
CA THR A 126 30.65 9.93 17.00
C THR A 126 31.37 10.99 17.81
N ASP A 127 32.66 11.21 17.55
CA ASP A 127 33.44 12.23 18.24
C ASP A 127 33.40 12.03 19.77
N ASN A 128 33.82 10.82 20.18
CA ASN A 128 33.79 10.41 21.60
C ASN A 128 32.38 10.53 22.18
N PHE A 129 31.39 10.09 21.41
CA PHE A 129 29.99 10.09 21.78
C PHE A 129 29.46 11.51 22.01
N SER A 130 30.09 12.50 21.40
CA SER A 130 29.70 13.89 21.56
C SER A 130 28.88 14.42 20.40
N SER A 131 28.90 13.72 19.26
CA SER A 131 28.12 14.12 18.11
C SER A 131 26.63 14.07 18.44
N PRO A 132 25.83 14.93 17.79
CA PRO A 132 24.37 14.82 17.95
C PRO A 132 23.87 13.45 17.53
N HIS A 133 24.56 12.78 16.61
CA HIS A 133 24.12 11.50 16.08
C HIS A 133 24.49 10.35 17.01
N ALA A 134 25.19 10.65 18.10
CA ALA A 134 25.51 9.62 19.07
C ALA A 134 24.29 9.20 19.88
N ARG A 135 23.25 10.05 19.94
CA ARG A 135 22.06 9.71 20.70
C ARG A 135 21.42 8.47 20.08
N ARG A 136 21.29 7.42 20.90
CA ARG A 136 20.77 6.13 20.45
C ARG A 136 20.08 5.37 21.58
N LYS A 137 19.09 4.57 21.20
CA LYS A 137 18.49 3.59 22.08
C LYS A 137 19.13 2.22 21.90
N VAL A 138 19.25 1.76 20.66
CA VAL A 138 19.81 0.44 20.36
C VAL A 138 21.03 0.58 19.47
N LEU A 139 22.12 -0.07 19.87
CA LEU A 139 23.35 -0.14 19.11
C LEU A 139 23.56 -1.57 18.62
N ALA A 140 24.01 -1.74 17.38
CA ALA A 140 24.31 -3.06 16.84
C ALA A 140 25.60 -2.99 16.04
N GLY A 141 26.19 -4.16 15.79
CA GLY A 141 27.36 -4.22 14.94
C GLY A 141 27.72 -5.62 14.52
N VAL A 142 28.68 -5.71 13.61
CA VAL A 142 29.21 -6.98 13.15
C VAL A 142 30.73 -6.92 13.33
N VAL A 143 31.29 -7.98 13.90
CA VAL A 143 32.73 -8.09 14.11
C VAL A 143 33.25 -9.33 13.39
N MET A 144 34.40 -9.21 12.74
CA MET A 144 35.02 -10.32 12.03
C MET A 144 36.21 -10.80 12.84
N THR A 145 36.36 -12.11 12.94
CA THR A 145 37.51 -12.80 13.53
C THR A 145 38.20 -13.66 12.48
N THR A 146 39.48 -13.94 12.72
CA THR A 146 40.24 -14.81 11.84
C THR A 146 40.97 -15.89 12.64
N GLY A 147 41.32 -15.63 13.89
CA GLY A 147 42.06 -16.61 14.65
C GLY A 147 41.65 -16.57 16.10
N THR A 148 42.59 -16.86 17.00
CA THR A 148 42.31 -16.99 18.41
C THR A 148 42.79 -15.77 19.15
N ASP A 149 43.60 -14.98 18.45
CA ASP A 149 44.25 -13.76 18.90
C ASP A 149 43.25 -12.62 18.72
N VAL A 150 42.82 -12.01 19.84
CA VAL A 150 41.84 -10.93 19.77
C VAL A 150 42.37 -9.73 19.00
N LYS A 151 43.70 -9.62 18.86
CA LYS A 151 44.26 -8.55 18.05
C LYS A 151 43.73 -8.60 16.62
N ASP A 152 43.39 -9.80 16.11
CA ASP A 152 42.94 -9.86 14.73
C ASP A 152 41.47 -9.48 14.56
N ALA A 153 40.74 -9.25 15.67
CA ALA A 153 39.33 -8.90 15.58
C ALA A 153 39.10 -7.62 14.76
N LYS A 154 38.05 -7.61 13.94
CA LYS A 154 37.77 -6.45 13.09
C LYS A 154 36.31 -6.04 13.18
N VAL A 155 36.04 -4.77 13.46
CA VAL A 155 34.68 -4.27 13.45
C VAL A 155 34.28 -4.11 11.99
N ILE A 156 33.20 -4.76 11.57
CA ILE A 156 32.83 -4.61 10.16
C ILE A 156 31.80 -3.51 9.96
N SER A 157 30.79 -3.46 10.82
CA SER A 157 29.76 -2.44 10.70
C SER A 157 29.22 -2.07 12.07
N VAL A 158 28.68 -0.86 12.17
CA VAL A 158 28.03 -0.37 13.38
C VAL A 158 26.80 0.41 12.95
N SER A 159 25.72 0.29 13.71
CA SER A 159 24.49 0.98 13.37
C SER A 159 23.63 1.21 14.61
N THR A 160 22.70 2.14 14.47
CA THR A 160 21.69 2.34 15.49
C THR A 160 20.37 2.48 14.75
N GLY A 161 19.28 2.49 15.55
CA GLY A 161 17.91 2.68 15.10
C GLY A 161 16.89 1.69 15.69
N THR A 162 15.65 2.18 15.86
CA THR A 162 14.56 1.40 16.43
C THR A 162 13.22 1.57 15.72
N LYS A 163 13.20 2.10 14.51
CA LYS A 163 11.94 2.37 13.83
C LYS A 163 11.98 1.81 12.41
N CYS A 164 10.80 1.79 11.76
CA CYS A 164 10.67 1.31 10.39
C CYS A 164 9.90 2.34 9.59
N ILE A 165 9.83 2.11 8.30
CA ILE A 165 9.32 3.10 7.38
C ILE A 165 7.82 3.31 7.55
N ASN A 166 7.42 4.56 7.34
CA ASN A 166 6.02 4.93 7.27
C ASN A 166 5.50 4.38 5.94
N GLY A 167 4.30 3.81 5.97
CA GLY A 167 3.80 3.15 4.77
C GLY A 167 3.72 4.07 3.57
N GLU A 168 3.49 5.36 3.79
CA GLU A 168 3.40 6.32 2.70
C GLU A 168 4.72 6.56 2.00
N TYR A 169 5.83 6.26 2.65
CA TYR A 169 7.16 6.50 2.12
C TYR A 169 7.77 5.31 1.38
N MET A 170 7.06 4.19 1.23
CA MET A 170 7.61 3.07 0.48
C MET A 170 8.06 3.55 -0.89
N SER A 171 9.19 3.04 -1.36
CA SER A 171 9.75 3.42 -2.65
C SER A 171 9.51 2.33 -3.68
N ASP A 172 9.04 2.72 -4.86
CA ASP A 172 8.89 1.72 -5.90
C ASP A 172 10.11 1.65 -6.79
N ARG A 173 11.21 2.25 -6.33
CA ARG A 173 12.49 2.22 -7.01
C ARG A 173 13.61 1.74 -6.10
N GLY A 174 13.28 1.23 -4.91
CA GLY A 174 14.33 0.69 -4.05
C GLY A 174 15.19 1.73 -3.37
N LEU A 175 14.70 2.96 -3.21
CA LEU A 175 15.48 4.06 -2.68
C LEU A 175 15.32 4.33 -1.19
N ALA A 176 14.51 3.55 -0.48
CA ALA A 176 14.20 3.80 0.91
C ALA A 176 14.49 2.57 1.76
N LEU A 177 15.07 2.78 2.95
CA LEU A 177 15.29 1.69 3.89
C LEU A 177 13.95 1.40 4.57
N ASN A 178 13.53 0.14 4.54
CA ASN A 178 12.25 -0.27 5.11
C ASN A 178 12.27 -0.52 6.62
N ASP A 179 13.40 -0.95 7.16
CA ASP A 179 13.50 -1.42 8.54
C ASP A 179 14.83 -0.96 9.09
N CYS A 180 14.76 -0.02 10.04
CA CYS A 180 15.92 0.60 10.66
C CYS A 180 16.20 0.12 12.07
N HIS A 181 15.70 -1.05 12.46
CA HIS A 181 16.15 -1.65 13.69
C HIS A 181 17.65 -1.90 13.54
N ALA A 182 18.41 -1.59 14.58
CA ALA A 182 19.87 -1.61 14.49
C ALA A 182 20.45 -2.91 13.92
N GLU A 183 19.99 -4.08 14.37
CA GLU A 183 20.57 -5.33 13.89
C GLU A 183 20.34 -5.55 12.39
N ILE A 184 19.17 -5.13 11.89
CA ILE A 184 18.88 -5.24 10.47
C ILE A 184 19.83 -4.37 9.65
N ILE A 185 19.99 -3.10 10.07
CA ILE A 185 20.92 -2.19 9.40
C ILE A 185 22.33 -2.76 9.43
N SER A 186 22.73 -3.37 10.54
CA SER A 186 24.07 -3.94 10.63
C SER A 186 24.29 -5.07 9.64
N ARG A 187 23.27 -5.92 9.44
CA ARG A 187 23.44 -6.94 8.41
C ARG A 187 23.60 -6.32 7.02
N ARG A 188 22.79 -5.29 6.72
CA ARG A 188 22.90 -4.68 5.39
C ARG A 188 24.29 -4.09 5.19
N SER A 189 24.83 -3.46 6.24
CA SER A 189 26.19 -2.93 6.15
C SER A 189 27.20 -4.03 5.88
N LEU A 190 27.01 -5.19 6.54
CA LEU A 190 27.87 -6.33 6.27
C LEU A 190 27.78 -6.71 4.79
N LEU A 191 26.58 -6.66 4.20
CA LEU A 191 26.46 -6.97 2.78
C LEU A 191 27.36 -6.07 1.94
N ARG A 192 27.39 -4.77 2.28
CA ARG A 192 28.29 -3.89 1.55
C ARG A 192 29.73 -4.37 1.67
N PHE A 193 30.14 -4.76 2.88
CA PHE A 193 31.48 -5.29 3.07
C PHE A 193 31.73 -6.51 2.20
N LEU A 194 30.75 -7.41 2.11
CA LEU A 194 30.91 -8.61 1.28
C LEU A 194 31.12 -8.24 -0.20
N TYR A 195 30.32 -7.30 -0.73
CA TYR A 195 30.53 -6.85 -2.11
C TYR A 195 31.94 -6.29 -2.31
N THR A 196 32.37 -5.44 -1.39
CA THR A 196 33.70 -4.87 -1.51
C THR A 196 34.77 -5.96 -1.52
N GLN A 197 34.62 -6.99 -0.68
CA GLN A 197 35.59 -8.08 -0.63
C GLN A 197 35.63 -8.89 -1.92
N LEU A 198 34.47 -9.07 -2.57
CA LEU A 198 34.51 -9.73 -3.87
C LEU A 198 35.25 -8.87 -4.91
N GLU A 199 35.00 -7.55 -4.93
CA GLU A 199 35.76 -6.70 -5.86
C GLU A 199 37.25 -6.74 -5.57
N LEU A 200 37.64 -6.78 -4.30
CA LEU A 200 39.05 -6.92 -3.97
C LEU A 200 39.62 -8.19 -4.57
N TYR A 201 38.90 -9.32 -4.44
CA TYR A 201 39.36 -10.58 -5.03
C TYR A 201 39.52 -10.44 -6.54
N LEU A 202 38.59 -9.74 -7.19
CA LEU A 202 38.56 -9.63 -8.65
C LEU A 202 39.56 -8.62 -9.20
N ASN A 203 40.07 -7.70 -8.38
CA ASN A 203 40.92 -6.63 -8.91
C ASN A 203 42.13 -7.23 -9.63
N ASN A 204 42.90 -8.11 -8.98
CA ASN A 204 44.12 -8.65 -9.58
C ASN A 204 44.63 -9.79 -8.72
N LYS A 205 45.65 -10.50 -9.24
CA LYS A 205 46.18 -11.70 -8.60
C LYS A 205 46.78 -11.40 -7.24
N ASP A 206 47.28 -10.19 -7.05
CA ASP A 206 47.96 -9.79 -5.82
C ASP A 206 46.97 -9.40 -4.74
N ASP A 207 45.98 -8.59 -5.12
CA ASP A 207 44.87 -8.23 -4.26
C ASP A 207 44.10 -9.45 -3.72
N GLN A 208 43.97 -10.52 -4.51
CA GLN A 208 43.22 -11.70 -4.08
C GLN A 208 43.74 -12.27 -2.77
N LYS A 209 45.05 -12.22 -2.56
CA LYS A 209 45.59 -12.74 -1.30
C LYS A 209 44.99 -12.07 -0.08
N ARG A 210 44.59 -10.79 -0.16
CA ARG A 210 44.04 -10.04 0.96
C ARG A 210 42.52 -10.22 1.16
N SER A 211 41.84 -10.77 0.16
CA SER A 211 40.39 -10.93 0.17
C SER A 211 39.99 -12.01 1.16
N ILE A 212 38.84 -11.83 1.80
CA ILE A 212 38.37 -12.89 2.68
C ILE A 212 37.74 -14.05 1.90
N PHE A 213 37.54 -13.89 0.61
CA PHE A 213 37.00 -14.95 -0.25
C PHE A 213 38.08 -15.77 -0.94
N GLN A 214 37.75 -17.04 -1.21
CA GLN A 214 38.53 -17.97 -2.00
C GLN A 214 37.62 -18.59 -3.04
N LYS A 215 38.23 -19.13 -4.08
CA LYS A 215 37.46 -19.88 -5.06
C LYS A 215 36.90 -21.09 -4.31
N SER A 216 35.67 -21.49 -4.61
CA SER A 216 35.14 -22.72 -4.02
C SER A 216 35.23 -23.88 -5.00
N GLU A 217 35.61 -25.05 -4.47
CA GLU A 217 35.70 -26.27 -5.26
C GLU A 217 34.34 -26.68 -5.80
N ARG A 218 33.28 -26.22 -5.16
CA ARG A 218 31.89 -26.48 -5.53
C ARG A 218 31.38 -25.48 -6.56
N GLY A 219 32.18 -24.45 -6.88
CA GLY A 219 31.84 -23.38 -7.81
C GLY A 219 31.76 -22.07 -7.06
N GLY A 220 32.03 -20.94 -7.72
CA GLY A 220 31.98 -19.64 -7.05
C GLY A 220 33.00 -19.52 -5.92
N PHE A 221 32.62 -18.80 -4.88
CA PHE A 221 33.51 -18.42 -3.78
C PHE A 221 32.92 -18.79 -2.43
N ARG A 222 33.84 -18.95 -1.48
CA ARG A 222 33.55 -19.21 -0.08
C ARG A 222 34.55 -18.48 0.79
N LEU A 223 34.28 -18.43 2.09
CA LEU A 223 35.17 -17.73 3.00
C LEU A 223 36.46 -18.52 3.16
N LYS A 224 37.55 -17.79 3.37
CA LYS A 224 38.78 -18.44 3.77
C LYS A 224 38.54 -19.10 5.13
N GLU A 225 39.31 -20.14 5.41
CA GLU A 225 39.09 -20.91 6.63
C GLU A 225 39.29 -20.03 7.86
N ASN A 226 38.45 -20.26 8.86
CA ASN A 226 38.43 -19.60 10.17
C ASN A 226 38.03 -18.13 10.15
N VAL A 227 37.51 -17.63 9.03
CA VAL A 227 36.91 -16.30 8.98
C VAL A 227 35.50 -16.40 9.58
N GLN A 228 35.23 -15.62 10.63
CA GLN A 228 33.93 -15.70 11.31
C GLN A 228 33.31 -14.33 11.50
N PHE A 229 31.98 -14.26 11.51
CA PHE A 229 31.27 -13.03 11.78
C PHE A 229 30.43 -13.17 13.04
N HIS A 230 30.38 -12.08 13.82
CA HIS A 230 29.69 -12.08 15.09
C HIS A 230 28.78 -10.88 15.15
N LEU A 231 27.52 -11.12 15.50
CA LEU A 231 26.52 -10.07 15.55
C LEU A 231 26.40 -9.61 17.00
N TYR A 232 26.47 -8.30 17.20
CA TYR A 232 26.27 -7.67 18.49
C TYR A 232 25.02 -6.82 18.43
N ILE A 233 24.21 -6.91 19.47
CA ILE A 233 23.03 -6.06 19.64
C ILE A 233 23.01 -5.62 21.10
N SER A 234 22.75 -4.33 21.31
CA SER A 234 22.81 -3.80 22.66
C SER A 234 21.62 -4.25 23.49
N THR A 235 20.62 -4.89 22.87
CA THR A 235 19.46 -5.44 23.56
C THR A 235 18.93 -6.63 22.78
N SER A 236 18.00 -7.36 23.39
CA SER A 236 17.43 -8.55 22.77
C SER A 236 16.61 -8.20 21.52
N PRO A 237 16.74 -8.97 20.44
CA PRO A 237 16.00 -8.61 19.22
C PRO A 237 14.50 -8.73 19.44
N CYS A 238 13.75 -7.81 18.83
CA CYS A 238 12.30 -7.79 18.99
C CYS A 238 11.67 -9.10 18.51
N GLY A 239 10.47 -9.37 18.99
CA GLY A 239 9.82 -10.63 18.69
C GLY A 239 10.10 -11.70 19.73
N ASP A 240 10.19 -12.95 19.29
CA ASP A 240 10.23 -14.10 20.18
C ASP A 240 11.32 -14.00 21.25
N ALA A 241 12.50 -13.47 20.92
CA ALA A 241 13.54 -13.40 21.95
C ALA A 241 13.26 -12.36 23.04
N ARG A 242 12.61 -11.24 22.69
CA ARG A 242 12.36 -10.08 23.56
C ARG A 242 11.01 -10.00 24.27
N ILE A 243 9.94 -10.41 23.60
CA ILE A 243 8.58 -10.19 24.03
C ILE A 243 8.13 -10.84 25.32
N PHE A 244 8.74 -11.92 25.74
CA PHE A 244 8.25 -12.56 26.94
C PHE A 244 8.99 -12.14 28.20
N SER A 245 9.96 -11.23 28.07
CA SER A 245 10.75 -10.70 29.18
C SER A 245 11.55 -9.47 28.74
N PRO A 246 10.91 -8.35 28.45
CA PRO A 246 11.67 -7.16 28.02
C PRO A 246 12.38 -6.46 29.18
N HIS A 247 12.99 -7.22 30.10
CA HIS A 247 13.63 -6.63 31.27
C HIS A 247 14.92 -7.36 31.59
N GLU A 248 15.76 -6.70 32.36
CA GLU A 248 17.04 -7.30 32.74
C GLU A 248 16.77 -8.52 33.62
N PRO A 249 17.39 -9.66 33.33
CA PRO A 249 17.19 -10.85 34.14
C PRO A 249 17.67 -10.63 35.55
N ILE A 250 16.97 -11.22 36.52
CA ILE A 250 17.38 -11.10 37.91
C ILE A 250 17.57 -12.53 38.40
N LEU A 251 18.53 -12.72 39.32
CA LEU A 251 18.89 -14.06 39.77
C LEU A 251 17.75 -14.82 40.45
N GLU A 252 16.80 -14.15 41.08
CA GLU A 252 15.69 -14.88 41.70
C GLU A 252 14.56 -15.14 40.72
N GLU A 253 14.70 -14.78 39.44
CA GLU A 253 13.64 -14.99 38.46
C GLU A 253 13.69 -16.38 37.85
N PRO A 254 12.64 -17.18 37.99
CA PRO A 254 12.62 -18.51 37.39
C PRO A 254 12.59 -18.40 35.88
N ALA A 255 13.14 -19.41 35.20
CA ALA A 255 13.10 -19.40 33.75
C ALA A 255 11.64 -19.51 33.32
N ASP A 256 11.39 -19.27 32.02
CA ASP A 256 10.04 -19.31 31.46
C ASP A 256 9.18 -20.39 32.09
N ARG A 257 8.18 -19.97 32.86
CA ARG A 257 7.30 -20.91 33.55
C ARG A 257 6.24 -21.52 32.66
N HIS A 258 6.04 -21.01 31.44
CA HIS A 258 5.04 -21.56 30.53
C HIS A 258 5.67 -21.77 29.15
N PRO A 259 6.63 -22.69 29.06
CA PRO A 259 7.27 -23.00 27.76
C PRO A 259 6.31 -23.49 26.68
N ASN A 260 5.24 -24.20 27.07
CA ASN A 260 4.28 -24.80 26.15
C ASN A 260 3.15 -23.88 25.73
N ARG A 261 3.12 -22.62 26.14
CA ARG A 261 2.05 -21.75 25.67
C ARG A 261 2.21 -21.58 24.16
N LYS A 262 1.07 -21.49 23.47
CA LYS A 262 1.16 -21.35 22.02
C LYS A 262 1.86 -20.07 21.59
N ALA A 263 1.90 -19.04 22.44
CA ALA A 263 2.55 -17.80 22.04
C ALA A 263 4.04 -18.02 21.79
N ARG A 264 4.62 -19.03 22.45
CA ARG A 264 6.06 -19.27 22.42
C ARG A 264 6.50 -19.70 21.03
N GLY A 265 7.45 -18.96 20.44
CA GLY A 265 7.95 -19.30 19.12
C GLY A 265 7.22 -18.71 17.94
N GLN A 266 6.09 -18.05 18.14
CA GLN A 266 5.29 -17.57 17.01
C GLN A 266 6.00 -16.51 16.18
N LEU A 267 5.81 -16.59 14.86
CA LEU A 267 6.30 -15.52 14.01
C LEU A 267 5.58 -14.25 14.46
N ARG A 268 6.29 -13.13 14.45
CA ARG A 268 5.66 -11.89 14.85
C ARG A 268 6.12 -10.77 13.95
N THR A 269 5.29 -9.75 13.86
CA THR A 269 5.57 -8.60 13.02
C THR A 269 5.55 -7.33 13.85
N LYS A 270 6.43 -6.40 13.52
CA LYS A 270 6.28 -5.02 13.92
C LYS A 270 5.02 -4.56 13.20
N ILE A 271 4.28 -3.61 13.76
CA ILE A 271 3.11 -3.08 13.04
C ILE A 271 3.18 -1.57 13.00
N GLU A 272 2.90 -1.01 11.82
CA GLU A 272 3.06 0.43 11.65
C GLU A 272 2.20 1.20 12.66
N SER A 273 2.80 2.23 13.27
CA SER A 273 2.14 3.10 14.25
C SER A 273 1.56 2.33 15.45
N GLY A 274 1.84 1.02 15.55
CA GLY A 274 1.36 0.18 16.63
C GLY A 274 2.50 -0.11 17.60
N GLN A 275 2.15 -0.71 18.73
CA GLN A 275 3.16 -1.06 19.73
C GLN A 275 3.37 -2.57 19.80
N GLY A 276 4.57 -2.96 20.24
CA GLY A 276 4.96 -4.36 20.39
C GLY A 276 5.11 -5.07 19.06
N THR A 277 4.87 -6.37 19.07
CA THR A 277 4.94 -7.14 17.86
C THR A 277 3.71 -8.04 17.88
N ILE A 278 3.26 -8.49 16.71
CA ILE A 278 2.08 -9.34 16.74
C ILE A 278 2.22 -10.67 16.04
N PRO A 279 1.53 -11.72 16.51
CA PRO A 279 1.57 -13.01 15.81
C PRO A 279 1.01 -12.79 14.43
N VAL A 280 1.48 -13.56 13.45
CA VAL A 280 0.76 -13.47 12.19
C VAL A 280 -0.66 -13.95 12.48
N ARG A 281 -1.63 -13.28 11.85
CA ARG A 281 -3.02 -13.67 12.03
C ARG A 281 -3.35 -14.98 11.33
N SER A 282 -4.46 -15.59 11.76
CA SER A 282 -4.87 -16.84 11.17
C SER A 282 -5.26 -16.46 9.75
N ASN A 283 -4.90 -17.32 8.78
CA ASN A 283 -5.31 -17.07 7.40
C ASN A 283 -4.76 -15.70 6.99
N ALA A 284 -3.44 -15.57 7.19
CA ALA A 284 -2.68 -14.33 6.97
C ALA A 284 -2.99 -13.67 5.64
N SER A 285 -3.34 -12.39 5.70
CA SER A 285 -3.69 -11.65 4.50
C SER A 285 -2.44 -11.05 3.85
N ILE A 286 -2.36 -11.28 2.55
CA ILE A 286 -1.33 -10.79 1.65
C ILE A 286 -1.28 -9.27 1.66
N GLN A 287 -0.10 -8.69 1.86
CA GLN A 287 -0.06 -7.24 1.91
C GLN A 287 0.01 -6.75 0.46
N THR A 288 -0.59 -5.58 0.22
CA THR A 288 -0.63 -4.96 -1.09
C THR A 288 -0.18 -3.51 -1.04
N TRP A 289 0.42 -3.08 -2.15
CA TRP A 289 0.92 -1.71 -2.24
C TRP A 289 -0.20 -0.68 -2.09
N ASP A 290 -1.28 -0.82 -2.88
CA ASP A 290 -2.38 0.13 -2.80
C ASP A 290 -3.11 0.05 -1.46
N GLY A 291 -3.18 -1.13 -0.86
CA GLY A 291 -3.80 -1.24 0.46
C GLY A 291 -3.03 -0.47 1.51
N VAL A 292 -1.70 -0.63 1.52
CA VAL A 292 -0.85 0.11 2.46
C VAL A 292 -0.97 1.61 2.21
N LEU A 293 -0.93 2.03 0.94
CA LEU A 293 -1.06 3.46 0.66
C LEU A 293 -2.37 4.00 1.24
N GLN A 294 -3.44 3.21 1.20
CA GLN A 294 -4.72 3.69 1.75
C GLN A 294 -4.80 3.62 3.25
N GLY A 295 -3.83 3.02 3.92
CA GLY A 295 -3.90 3.02 5.35
C GLY A 295 -3.76 1.66 5.99
N GLU A 296 -3.78 0.55 5.23
CA GLU A 296 -3.46 -0.73 5.85
C GLU A 296 -2.06 -0.61 6.44
N ARG A 297 -1.92 -1.03 7.68
CA ARG A 297 -0.68 -0.84 8.40
C ARG A 297 0.39 -1.79 7.86
N LEU A 298 1.55 -1.23 7.55
CA LEU A 298 2.63 -2.05 7.02
C LEU A 298 3.13 -2.99 8.09
N LEU A 299 3.28 -4.27 7.74
CA LEU A 299 3.77 -5.28 8.66
C LEU A 299 5.18 -5.63 8.24
N THR A 300 6.05 -5.76 9.23
CA THR A 300 7.45 -6.13 9.02
C THR A 300 7.80 -7.25 9.97
N MET A 301 8.51 -8.26 9.49
CA MET A 301 8.82 -9.38 10.35
C MET A 301 9.73 -8.90 11.49
N SER A 302 9.51 -9.44 12.69
CA SER A 302 10.32 -9.08 13.84
C SER A 302 11.78 -9.46 13.63
N CYS A 303 12.66 -8.80 14.38
CA CYS A 303 14.09 -9.11 14.28
C CYS A 303 14.40 -10.54 14.71
N SER A 304 13.71 -11.07 15.74
CA SER A 304 13.91 -12.47 16.12
C SER A 304 13.68 -13.39 14.92
N ASP A 305 12.65 -13.08 14.13
CA ASP A 305 12.30 -13.92 13.00
C ASP A 305 13.31 -13.73 11.88
N LYS A 306 13.74 -12.49 11.66
CA LYS A 306 14.74 -12.26 10.63
C LYS A 306 16.04 -12.97 10.96
N ILE A 307 16.45 -12.98 12.24
CA ILE A 307 17.71 -13.62 12.58
C ILE A 307 17.58 -15.14 12.43
N ALA A 308 16.41 -15.71 12.78
CA ALA A 308 16.22 -17.15 12.53
C ALA A 308 16.33 -17.44 11.03
N ARG A 309 15.71 -16.57 10.21
CA ARG A 309 15.85 -16.67 8.76
C ARG A 309 17.32 -16.71 8.38
N TRP A 310 18.11 -15.77 8.91
CA TRP A 310 19.52 -15.77 8.58
C TRP A 310 20.20 -17.02 9.10
N ASN A 311 19.64 -17.66 10.13
CA ASN A 311 20.22 -18.91 10.60
C ASN A 311 19.83 -20.09 9.72
N VAL A 312 19.07 -19.85 8.65
CA VAL A 312 18.79 -20.96 7.73
C VAL A 312 19.32 -20.59 6.35
N VAL A 313 18.87 -19.46 5.80
CA VAL A 313 19.25 -19.06 4.45
C VAL A 313 20.58 -18.30 4.44
N GLY A 314 21.16 -18.00 5.60
CA GLY A 314 22.39 -17.25 5.69
C GLY A 314 22.17 -15.75 5.73
N ILE A 315 23.26 -15.03 6.05
CA ILE A 315 23.21 -13.58 6.14
C ILE A 315 23.45 -12.83 4.83
N GLN A 316 23.90 -13.52 3.77
CA GLN A 316 24.32 -12.82 2.58
C GLN A 316 23.18 -12.43 1.65
N GLY A 317 21.97 -12.97 1.86
CA GLY A 317 20.86 -12.71 0.98
C GLY A 317 20.95 -13.55 -0.29
N SER A 318 19.91 -13.43 -1.12
CA SER A 318 19.83 -14.20 -2.37
C SER A 318 20.89 -13.74 -3.38
N LEU A 319 20.96 -12.43 -3.62
CA LEU A 319 21.83 -11.91 -4.68
C LEU A 319 23.27 -12.31 -4.44
N LEU A 320 23.78 -12.11 -3.21
CA LEU A 320 25.17 -12.49 -2.98
C LEU A 320 25.36 -13.99 -3.12
N SER A 321 24.29 -14.77 -2.85
CA SER A 321 24.39 -16.21 -2.98
C SER A 321 24.56 -16.63 -4.43
N ILE A 322 24.25 -15.73 -5.35
CA ILE A 322 24.55 -16.10 -6.75
C ILE A 322 26.07 -16.20 -6.94
N PHE A 323 26.85 -15.47 -6.13
CA PHE A 323 28.32 -15.47 -6.14
C PHE A 323 28.95 -16.35 -5.06
N VAL A 324 28.40 -16.37 -3.84
CA VAL A 324 29.04 -17.00 -2.71
C VAL A 324 28.14 -18.02 -2.04
N GLU A 325 28.80 -18.92 -1.30
CA GLU A 325 28.15 -19.96 -0.54
C GLU A 325 27.55 -19.32 0.73
N PRO A 326 26.54 -19.96 1.34
CA PRO A 326 25.92 -19.37 2.54
C PRO A 326 26.91 -19.06 3.65
N ILE A 327 26.73 -17.88 4.25
CA ILE A 327 27.55 -17.41 5.36
C ILE A 327 26.66 -17.28 6.58
N TYR A 328 27.13 -17.72 7.74
CA TYR A 328 26.32 -17.66 8.94
C TYR A 328 27.02 -16.91 10.08
N PHE A 329 26.24 -16.32 10.99
CA PHE A 329 26.86 -15.78 12.20
C PHE A 329 27.37 -16.92 13.06
N SER A 330 28.59 -16.77 13.59
CA SER A 330 29.13 -17.75 14.51
C SER A 330 28.68 -17.56 15.96
N SER A 331 28.27 -16.35 16.32
CA SER A 331 27.87 -16.00 17.68
C SER A 331 26.84 -14.89 17.59
N ILE A 332 25.93 -14.85 18.57
CA ILE A 332 24.99 -13.74 18.72
C ILE A 332 25.11 -13.25 20.15
N ILE A 333 25.57 -12.01 20.29
CA ILE A 333 25.88 -11.38 21.57
C ILE A 333 24.91 -10.26 21.87
N LEU A 334 24.24 -10.34 23.02
CA LEU A 334 23.31 -9.31 23.45
C LEU A 334 23.96 -8.53 24.59
N GLY A 335 23.88 -7.21 24.53
CA GLY A 335 24.47 -6.39 25.58
C GLY A 335 23.60 -6.13 26.77
N SER A 336 22.34 -6.56 26.72
CA SER A 336 21.39 -6.43 27.81
C SER A 336 20.19 -7.29 27.48
N LEU A 337 19.35 -7.54 28.49
CA LEU A 337 18.12 -8.32 28.37
C LEU A 337 18.33 -9.71 27.78
N TYR A 338 19.48 -10.30 28.07
CA TYR A 338 19.77 -11.67 27.65
C TYR A 338 18.94 -12.67 28.45
N HIS A 339 18.23 -13.55 27.75
CA HIS A 339 17.47 -14.64 28.37
C HIS A 339 17.77 -15.86 27.52
N GLY A 340 18.54 -16.78 28.10
CA GLY A 340 19.05 -17.92 27.35
C GLY A 340 17.98 -18.78 26.71
N ASP A 341 16.92 -19.05 27.44
CA ASP A 341 15.90 -19.97 26.93
C ASP A 341 15.08 -19.32 25.82
N HIS A 342 14.71 -18.06 26.01
CA HIS A 342 13.96 -17.36 24.96
C HIS A 342 14.83 -17.14 23.74
N LEU A 343 16.09 -16.77 23.96
CA LEU A 343 16.95 -16.49 22.83
C LEU A 343 17.24 -17.76 22.06
N SER A 344 17.48 -18.87 22.76
CA SER A 344 17.74 -20.13 22.07
C SER A 344 16.52 -20.57 21.27
N ARG A 345 15.29 -20.40 21.79
CA ARG A 345 14.12 -20.74 20.96
C ARG A 345 14.06 -19.89 19.72
N ALA A 346 14.15 -18.58 19.93
CA ALA A 346 13.99 -17.63 18.84
C ALA A 346 15.02 -17.84 17.75
N MET A 347 16.28 -18.13 18.11
CA MET A 347 17.24 -18.15 17.04
C MET A 347 17.25 -19.44 16.24
N TYR A 348 16.87 -20.59 16.82
CA TYR A 348 16.89 -21.83 16.04
C TYR A 348 16.09 -23.02 16.54
N GLN A 349 16.00 -23.20 17.87
CA GLN A 349 15.31 -24.35 18.45
CA GLN A 349 15.33 -24.38 18.41
C GLN A 349 13.86 -24.45 18.03
N ARG A 350 13.19 -23.30 17.80
CA ARG A 350 11.78 -23.39 17.42
C ARG A 350 11.53 -24.00 16.05
N ILE A 351 12.53 -24.01 15.17
CA ILE A 351 12.40 -24.59 13.84
C ILE A 351 13.32 -25.77 13.65
N SER A 352 13.60 -26.50 14.74
CA SER A 352 14.41 -27.70 14.62
C SER A 352 13.74 -28.74 13.74
N ASN A 353 12.45 -28.57 13.40
CA ASN A 353 11.70 -29.44 12.50
C ASN A 353 12.01 -29.19 11.01
N ILE A 354 12.87 -28.21 10.69
CA ILE A 354 13.16 -27.92 9.29
C ILE A 354 13.77 -29.14 8.62
N GLU A 355 13.42 -29.34 7.34
CA GLU A 355 13.94 -30.46 6.57
C GLU A 355 14.22 -30.06 5.12
N ASP A 356 14.93 -30.95 4.44
CA ASP A 356 15.25 -30.86 3.01
C ASP A 356 15.96 -29.57 2.60
N LEU A 357 16.95 -29.14 3.38
CA LEU A 357 17.69 -27.94 2.99
C LEU A 357 18.53 -28.27 1.77
N PRO A 358 18.76 -27.31 0.87
CA PRO A 358 19.65 -27.58 -0.28
C PRO A 358 21.09 -27.77 0.17
N PRO A 359 21.99 -28.19 -0.73
CA PRO A 359 23.38 -28.40 -0.32
C PRO A 359 24.00 -27.12 0.24
N LEU A 360 24.77 -27.29 1.30
CA LEU A 360 25.56 -26.29 2.01
C LEU A 360 24.69 -25.46 2.95
N TYR A 361 23.36 -25.55 2.85
CA TYR A 361 22.52 -24.84 3.79
C TYR A 361 22.33 -25.70 5.04
N THR A 362 22.11 -25.06 6.17
CA THR A 362 21.95 -25.79 7.41
C THR A 362 21.15 -24.93 8.38
N LEU A 363 20.65 -25.55 9.44
CA LEU A 363 20.08 -24.80 10.56
C LEU A 363 21.24 -24.48 11.51
N ASN A 364 21.73 -23.25 11.40
CA ASN A 364 22.89 -22.77 12.14
C ASN A 364 22.54 -22.45 13.59
N LYS A 365 23.39 -22.88 14.53
CA LYS A 365 23.14 -22.66 15.95
C LYS A 365 24.36 -21.96 16.52
N PRO A 366 24.43 -20.64 16.39
CA PRO A 366 25.62 -19.91 16.83
C PRO A 366 25.67 -19.82 18.35
N LEU A 367 26.86 -19.51 18.84
CA LEU A 367 27.02 -19.19 20.24
C LEU A 367 26.06 -18.07 20.61
N LEU A 368 25.39 -18.20 21.76
CA LEU A 368 24.55 -17.13 22.28
C LEU A 368 25.13 -16.74 23.63
N SER A 369 25.30 -15.44 23.85
CA SER A 369 25.88 -15.01 25.11
C SER A 369 25.44 -13.60 25.43
N GLY A 370 25.34 -13.32 26.73
CA GLY A 370 25.24 -11.98 27.25
C GLY A 370 26.64 -11.49 27.55
N ILE A 371 26.73 -10.30 28.17
CA ILE A 371 28.03 -9.75 28.50
C ILE A 371 28.17 -9.66 30.01
N SER A 372 29.41 -9.52 30.47
CA SER A 372 29.69 -9.54 31.91
C SER A 372 29.13 -8.31 32.62
N ASN A 373 29.22 -7.16 31.96
CA ASN A 373 28.78 -5.84 32.41
C ASN A 373 27.72 -5.36 31.44
N ALA A 374 26.47 -5.77 31.68
CA ALA A 374 25.41 -5.43 30.74
C ALA A 374 25.25 -3.92 30.65
N GLU A 375 24.94 -3.44 29.45
CA GLU A 375 24.70 -2.03 29.25
C GLU A 375 23.37 -1.64 29.89
N ALA A 376 23.18 -0.33 30.03
CA ALA A 376 21.99 0.24 30.62
C ALA A 376 21.04 0.81 29.59
N ARG A 377 19.82 1.00 30.06
CA ARG A 377 18.73 1.65 29.35
C ARG A 377 19.08 3.12 29.15
N GLN A 378 18.77 3.63 27.93
CA GLN A 378 19.21 4.99 27.89
C GLN A 378 17.98 5.88 27.99
N PRO A 379 18.06 6.96 28.78
CA PRO A 379 16.93 7.88 28.87
C PRO A 379 16.83 8.74 27.63
N GLY A 380 15.66 9.32 27.41
CA GLY A 380 15.59 10.14 26.23
C GLY A 380 14.56 9.66 25.25
N LYS A 381 13.91 10.55 24.50
CA LYS A 381 12.99 10.10 23.47
C LYS A 381 13.85 9.33 22.47
N ALA A 382 13.37 8.18 22.00
CA ALA A 382 14.19 7.48 21.01
C ALA A 382 14.34 8.31 19.74
N PRO A 383 15.56 8.40 19.19
CA PRO A 383 15.77 9.11 17.93
C PRO A 383 14.95 8.53 16.80
N ASN A 384 14.48 9.40 15.93
CA ASN A 384 13.74 8.96 14.76
C ASN A 384 14.70 8.58 13.62
N PHE A 385 16.01 8.69 13.85
CA PHE A 385 17.01 8.40 12.83
C PHE A 385 17.80 7.14 13.18
N SER A 386 18.55 6.68 12.18
CA SER A 386 19.36 5.47 12.26
C SER A 386 20.72 5.71 11.60
N VAL A 387 21.78 5.38 12.33
CA VAL A 387 23.15 5.54 11.79
C VAL A 387 23.66 4.22 11.23
N ASN A 388 24.43 4.29 10.16
CA ASN A 388 25.11 3.10 9.68
C ASN A 388 26.53 3.45 9.24
N TRP A 389 27.39 2.44 9.34
CA TRP A 389 28.78 2.55 8.93
C TRP A 389 29.31 1.16 8.64
N THR A 390 30.10 1.06 7.57
CA THR A 390 30.82 -0.15 7.15
C THR A 390 32.32 0.14 7.10
N VAL A 391 33.12 -0.84 7.53
CA VAL A 391 34.58 -0.68 7.41
C VAL A 391 34.92 -0.23 5.99
N GLY A 392 35.79 0.76 5.88
CA GLY A 392 36.10 1.38 4.63
C GLY A 392 35.36 2.68 4.39
N ASP A 393 34.19 2.87 5.00
CA ASP A 393 33.49 4.15 4.87
C ASP A 393 34.23 5.22 5.65
N SER A 394 34.34 6.42 5.06
CA SER A 394 34.93 7.55 5.76
C SER A 394 34.13 7.95 7.01
N ALA A 395 32.81 7.87 6.93
CA ALA A 395 31.95 8.41 7.99
C ALA A 395 30.62 7.68 8.03
N ILE A 396 29.87 7.90 9.11
CA ILE A 396 28.50 7.37 9.25
C ILE A 396 27.57 8.04 8.25
N GLU A 397 26.48 7.34 7.96
CA GLU A 397 25.38 7.87 7.20
C GLU A 397 24.19 7.88 8.15
N VAL A 398 23.40 8.96 8.11
CA VAL A 398 22.27 9.13 9.01
C VAL A 398 20.99 9.15 8.18
N ILE A 399 20.12 8.19 8.47
CA ILE A 399 18.87 8.00 7.73
C ILE A 399 17.69 8.27 8.66
N ASN A 400 16.70 8.98 8.17
CA ASN A 400 15.46 9.14 8.92
C ASN A 400 14.69 7.83 8.79
N ALA A 401 14.48 7.14 9.91
CA ALA A 401 13.82 5.83 9.83
C ALA A 401 12.40 5.92 9.28
N THR A 402 11.70 7.02 9.55
CA THR A 402 10.31 7.10 9.09
C THR A 402 10.25 7.22 7.58
N THR A 403 11.18 7.95 6.95
CA THR A 403 11.20 8.10 5.50
C THR A 403 12.09 7.07 4.80
N GLY A 404 13.06 6.49 5.51
CA GLY A 404 14.01 5.58 4.94
C GLY A 404 15.07 6.25 4.11
N LYS A 405 15.15 7.59 4.16
CA LYS A 405 16.14 8.33 3.42
C LYS A 405 16.86 9.30 4.36
N ASP A 406 17.94 9.90 3.87
CA ASP A 406 18.65 10.88 4.68
C ASP A 406 17.79 12.15 4.77
N GLU A 407 18.24 13.11 5.58
CA GLU A 407 17.42 14.30 5.81
C GLU A 407 17.21 15.17 4.56
N LEU A 408 18.03 15.02 3.53
CA LEU A 408 17.87 15.74 2.27
C LEU A 408 17.15 14.90 1.21
N GLY A 409 16.61 13.75 1.61
CA GLY A 409 15.93 12.84 0.70
C GLY A 409 16.77 11.96 -0.20
N ARG A 410 18.07 11.81 0.08
CA ARG A 410 18.91 10.93 -0.72
C ARG A 410 18.84 9.49 -0.23
N ALA A 411 18.98 8.56 -1.17
CA ALA A 411 18.91 7.13 -0.87
C ALA A 411 20.13 6.69 -0.10
N SER A 412 19.90 5.76 0.83
CA SER A 412 20.99 5.18 1.60
C SER A 412 21.88 4.31 0.72
N ARG A 413 23.16 4.26 1.08
CA ARG A 413 24.09 3.29 0.50
C ARG A 413 23.63 1.87 0.80
N LEU A 414 22.71 1.69 1.75
CA LEU A 414 22.11 0.41 2.11
C LEU A 414 20.80 0.09 1.40
N CYS A 415 20.23 1.00 0.61
CA CYS A 415 18.94 0.73 -0.01
C CYS A 415 19.03 -0.35 -1.10
N LYS A 416 17.87 -0.97 -1.36
CA LYS A 416 17.76 -1.99 -2.42
C LYS A 416 18.43 -1.52 -3.70
N HIS A 417 18.14 -0.29 -4.12
CA HIS A 417 18.69 0.21 -5.37
C HIS A 417 20.22 0.24 -5.32
N ALA A 418 20.77 0.73 -4.20
CA ALA A 418 22.23 0.81 -4.07
C ALA A 418 22.86 -0.58 -4.07
N LEU A 419 22.24 -1.52 -3.36
CA LEU A 419 22.74 -2.89 -3.34
C LEU A 419 22.65 -3.53 -4.72
N TYR A 420 21.57 -3.28 -5.44
CA TYR A 420 21.43 -3.82 -6.79
C TYR A 420 22.55 -3.29 -7.67
N CYS A 421 22.94 -2.03 -7.43
CA CYS A 421 24.03 -1.43 -8.20
C CYS A 421 25.37 -2.12 -7.86
N ARG A 422 25.60 -2.40 -6.56
CA ARG A 422 26.81 -3.12 -6.17
C ARG A 422 26.86 -4.49 -6.82
N TRP A 423 25.72 -5.17 -6.78
CA TRP A 423 25.62 -6.51 -7.33
C TRP A 423 25.87 -6.49 -8.82
N MET A 424 25.31 -5.51 -9.53
CA MET A 424 25.49 -5.49 -10.97
C MET A 424 26.96 -5.27 -11.32
N ARG A 425 27.64 -4.41 -10.54
CA ARG A 425 29.06 -4.18 -10.84
C ARG A 425 29.90 -5.45 -10.63
N VAL A 426 29.64 -6.16 -9.54
CA VAL A 426 30.38 -7.41 -9.33
C VAL A 426 30.02 -8.44 -10.38
N HIS A 427 28.74 -8.53 -10.72
CA HIS A 427 28.28 -9.51 -11.69
C HIS A 427 28.99 -9.32 -13.02
N GLY A 428 29.24 -8.06 -13.39
CA GLY A 428 29.94 -7.78 -14.64
C GLY A 428 31.41 -8.16 -14.65
N LYS A 429 31.98 -8.51 -13.50
CA LYS A 429 33.39 -8.83 -13.37
C LYS A 429 33.63 -10.32 -13.19
N VAL A 430 32.60 -11.07 -12.84
CA VAL A 430 32.73 -12.50 -12.58
C VAL A 430 32.48 -13.28 -13.86
N PRO A 431 33.46 -14.02 -14.36
CA PRO A 431 33.28 -14.90 -15.52
C PRO A 431 32.14 -15.89 -15.29
N SER A 432 31.34 -16.08 -16.34
CA SER A 432 30.17 -16.94 -16.30
C SER A 432 30.48 -18.31 -15.70
N HIS A 433 31.65 -18.87 -15.98
CA HIS A 433 31.90 -20.21 -15.45
C HIS A 433 32.08 -20.23 -13.94
N LEU A 434 32.24 -19.06 -13.30
CA LEU A 434 32.39 -18.98 -11.84
C LEU A 434 31.10 -18.65 -11.12
N LEU A 435 30.00 -18.40 -11.84
CA LEU A 435 28.78 -18.16 -11.10
C LEU A 435 28.31 -19.46 -10.45
N ARG A 436 27.68 -19.31 -9.28
CA ARG A 436 27.13 -20.44 -8.57
C ARG A 436 25.81 -20.87 -9.19
N SER A 437 25.14 -19.97 -9.86
CA SER A 437 23.92 -20.29 -10.59
C SER A 437 24.05 -19.72 -12.01
N LYS A 438 23.59 -20.52 -12.96
CA LYS A 438 23.54 -20.19 -14.37
C LYS A 438 22.10 -19.93 -14.84
N ILE A 439 21.22 -19.54 -13.92
CA ILE A 439 19.82 -19.15 -14.16
C ILE A 439 19.67 -17.71 -14.64
N THR A 440 19.49 -17.50 -15.94
CA THR A 440 19.50 -16.15 -16.49
C THR A 440 18.19 -15.43 -16.13
N LYS A 441 18.27 -14.19 -15.65
CA LYS A 441 17.02 -13.52 -15.30
C LYS A 441 16.98 -12.09 -15.81
N PRO A 442 15.80 -11.60 -16.21
CA PRO A 442 15.69 -10.20 -16.67
C PRO A 442 16.14 -9.27 -15.54
N ASN A 443 16.89 -8.23 -15.89
CA ASN A 443 17.45 -7.26 -14.95
C ASN A 443 16.52 -6.37 -14.13
N VAL A 444 15.70 -7.00 -13.30
CA VAL A 444 14.74 -6.35 -12.43
C VAL A 444 15.10 -7.03 -11.13
N TYR A 445 15.21 -6.24 -10.06
CA TYR A 445 15.66 -6.76 -8.77
C TYR A 445 14.95 -8.05 -8.37
N HIS A 446 13.61 -8.05 -8.39
CA HIS A 446 12.87 -9.28 -8.08
C HIS A 446 13.35 -10.50 -8.89
N GLU A 447 13.46 -10.36 -10.23
CA GLU A 447 13.85 -11.52 -11.04
C GLU A 447 15.30 -11.93 -10.77
N SER A 448 16.18 -10.96 -10.51
CA SER A 448 17.56 -11.32 -10.22
C SER A 448 17.62 -12.14 -8.95
N LYS A 449 16.80 -11.77 -7.94
CA LYS A 449 16.71 -12.57 -6.71
C LYS A 449 16.25 -13.98 -7.04
N LEU A 450 15.29 -14.09 -7.96
CA LEU A 450 14.77 -15.41 -8.33
C LEU A 450 15.84 -16.28 -9.01
N ALA A 451 16.88 -15.67 -9.61
CA ALA A 451 17.94 -16.50 -10.20
C ALA A 451 18.69 -17.34 -9.16
N ALA A 452 18.70 -16.93 -7.88
CA ALA A 452 19.26 -17.69 -6.76
C ALA A 452 18.34 -18.83 -6.33
N LYS A 453 18.28 -19.88 -7.18
CA LYS A 453 17.29 -20.94 -7.01
C LYS A 453 17.44 -21.71 -5.69
N GLU A 454 18.66 -22.10 -5.33
CA GLU A 454 18.84 -22.84 -4.08
C GLU A 454 18.46 -22.01 -2.86
N TYR A 455 18.78 -20.71 -2.88
CA TYR A 455 18.41 -19.84 -1.77
C TYR A 455 16.89 -19.77 -1.65
N GLN A 456 16.21 -19.63 -2.79
CA GLN A 456 14.76 -19.58 -2.76
C GLN A 456 14.19 -20.87 -2.18
N ALA A 457 14.80 -22.01 -2.52
CA ALA A 457 14.35 -23.29 -1.98
C ALA A 457 14.53 -23.35 -0.47
N ALA A 458 15.69 -22.88 0.01
CA ALA A 458 15.96 -22.88 1.43
C ALA A 458 14.94 -21.99 2.15
N LYS A 459 14.66 -20.83 1.56
CA LYS A 459 13.69 -19.92 2.13
C LYS A 459 12.32 -20.59 2.23
N ALA A 460 11.99 -21.38 1.22
CA ALA A 460 10.71 -22.09 1.22
C ALA A 460 10.67 -23.14 2.33
N ARG A 461 11.80 -23.83 2.54
CA ARG A 461 11.88 -24.83 3.62
C ARG A 461 11.70 -24.15 4.96
N LEU A 462 12.25 -22.94 5.10
CA LEU A 462 12.11 -22.17 6.32
C LEU A 462 10.65 -21.85 6.57
N PHE A 463 9.97 -21.39 5.53
CA PHE A 463 8.59 -20.96 5.71
C PHE A 463 7.74 -22.17 6.12
N THR A 464 7.97 -23.32 5.48
CA THR A 464 7.24 -24.53 5.83
C THR A 464 7.56 -24.96 7.26
N ALA A 465 8.81 -24.83 7.68
CA ALA A 465 9.15 -25.23 9.04
C ALA A 465 8.30 -24.44 10.03
N PHE A 466 8.25 -23.12 9.83
CA PHE A 466 7.44 -22.27 10.70
C PHE A 466 5.98 -22.71 10.66
N ILE A 467 5.44 -22.96 9.46
CA ILE A 467 4.02 -23.29 9.32
C ILE A 467 3.73 -24.60 10.03
N LYS A 468 4.56 -25.64 9.77
CA LYS A 468 4.33 -26.97 10.32
C LYS A 468 4.50 -27.00 11.82
N ALA A 469 5.35 -26.13 12.36
CA ALA A 469 5.53 -26.04 13.81
C ALA A 469 4.36 -25.32 14.48
N GLY A 470 3.44 -24.75 13.70
CA GLY A 470 2.32 -24.02 14.25
C GLY A 470 2.62 -22.57 14.56
N LEU A 471 3.72 -22.03 14.06
CA LEU A 471 4.21 -20.70 14.40
C LEU A 471 3.75 -19.60 13.45
N GLY A 472 2.90 -19.92 12.46
CA GLY A 472 2.39 -18.97 11.48
C GLY A 472 3.16 -18.91 10.17
N ALA A 473 2.67 -18.03 9.28
CA ALA A 473 3.22 -17.85 7.94
C ALA A 473 3.97 -16.52 7.82
N TRP A 474 5.15 -16.60 7.20
CA TRP A 474 5.98 -15.43 6.95
C TRP A 474 5.18 -14.36 6.19
N VAL A 475 5.30 -13.11 6.61
CA VAL A 475 4.59 -12.00 5.96
C VAL A 475 5.54 -11.20 5.09
N GLU A 476 5.34 -11.27 3.77
CA GLU A 476 6.17 -10.58 2.79
C GLU A 476 5.65 -9.17 2.47
N LYS A 477 6.54 -8.37 1.89
CA LYS A 477 6.24 -7.03 1.40
C LYS A 477 5.37 -7.15 0.15
N PRO A 478 4.63 -6.11 -0.23
CA PRO A 478 3.96 -6.13 -1.54
C PRO A 478 4.99 -6.40 -2.64
N THR A 479 4.62 -7.26 -3.60
CA THR A 479 5.56 -7.64 -4.66
C THR A 479 6.05 -6.45 -5.48
N GLU A 480 5.22 -5.41 -5.62
CA GLU A 480 5.59 -4.22 -6.39
C GLU A 480 6.87 -3.59 -5.85
N GLN A 481 7.18 -3.83 -4.58
CA GLN A 481 8.38 -3.26 -3.97
C GLN A 481 9.66 -3.61 -4.72
N ASP A 482 9.76 -4.79 -5.31
CA ASP A 482 11.02 -5.21 -5.89
C ASP A 482 10.98 -5.19 -7.41
N GLN A 483 9.88 -4.73 -7.98
CA GLN A 483 9.72 -4.73 -9.42
C GLN A 483 10.27 -3.45 -10.03
N PHE A 484 11.60 -3.27 -9.91
CA PHE A 484 12.24 -2.12 -10.53
C PHE A 484 13.58 -2.54 -11.15
N SER A 485 14.07 -1.72 -12.07
CA SER A 485 15.36 -1.91 -12.72
C SER A 485 16.22 -0.67 -12.53
N LEU A 486 17.52 -0.79 -12.77
CA LEU A 486 18.42 0.37 -12.73
C LEU A 486 18.32 1.27 -13.97
N ASN B 22 7.19 28.65 2.12
CA ASN B 22 6.29 28.51 3.26
C ASN B 22 5.21 29.60 3.21
N PRO B 23 3.98 29.18 2.85
CA PRO B 23 2.89 30.17 2.72
C PRO B 23 2.61 31.00 3.96
N VAL B 24 2.73 30.44 5.16
CA VAL B 24 2.47 31.26 6.35
C VAL B 24 3.53 32.34 6.47
N MET B 25 4.78 32.00 6.16
CA MET B 25 5.85 32.98 6.26
C MET B 25 5.69 34.08 5.22
N ILE B 26 5.38 33.69 3.97
CA ILE B 26 5.23 34.72 2.93
C ILE B 26 4.01 35.59 3.21
N LEU B 27 2.91 35.02 3.69
CA LEU B 27 1.76 35.88 3.95
C LEU B 27 2.04 36.78 5.15
N ASN B 28 2.75 36.26 6.16
CA ASN B 28 3.06 37.06 7.34
C ASN B 28 4.04 38.18 7.02
N GLU B 29 4.86 38.02 5.98
CA GLU B 29 5.75 39.15 5.72
C GLU B 29 5.12 40.13 4.74
N LEU B 30 4.34 39.66 3.75
CA LEU B 30 3.69 40.59 2.83
C LEU B 30 2.64 41.45 3.54
N ARG B 31 1.96 40.89 4.52
CA ARG B 31 0.93 41.54 5.33
C ARG B 31 1.33 41.27 6.77
N PRO B 32 2.32 42.01 7.29
CA PRO B 32 2.85 41.73 8.64
C PRO B 32 1.85 41.76 9.79
N GLY B 33 0.84 42.62 9.77
CA GLY B 33 -0.06 42.65 10.91
C GLY B 33 -1.19 41.65 10.90
N LEU B 34 -1.29 40.83 9.85
CA LEU B 34 -2.37 39.87 9.74
C LEU B 34 -2.29 38.81 10.84
N LYS B 35 -3.46 38.39 11.31
CA LYS B 35 -3.57 37.37 12.34
C LYS B 35 -4.57 36.31 11.90
N TYR B 36 -4.18 35.06 12.12
CA TYR B 36 -4.94 33.86 11.81
C TYR B 36 -6.08 33.62 12.81
N ASP B 37 -7.12 32.93 12.36
CA ASP B 37 -8.30 32.67 13.17
C ASP B 37 -8.74 31.22 13.10
N PHE B 38 -8.69 30.52 14.25
CA PHE B 38 -9.12 29.13 14.35
C PHE B 38 -10.65 29.02 14.33
N LEU B 39 -11.16 27.92 13.79
CA LEU B 39 -12.60 27.70 13.73
C LEU B 39 -12.95 26.56 14.67
N SER B 40 -12.96 25.31 14.23
CA SER B 40 -13.28 24.21 15.13
C SER B 40 -12.66 22.92 14.65
N GLU B 41 -12.13 22.15 15.59
CA GLU B 41 -11.49 20.87 15.37
C GLU B 41 -12.53 19.77 15.19
N SER B 42 -12.13 18.70 14.50
CA SER B 42 -13.03 17.58 14.24
C SER B 42 -12.24 16.28 14.32
N GLY B 43 -12.93 15.21 14.74
CA GLY B 43 -12.34 13.90 14.85
C GLY B 43 -11.45 13.73 16.07
N GLU B 44 -10.70 12.63 16.06
CA GLU B 44 -9.77 12.33 17.14
C GLU B 44 -8.67 11.40 16.63
N SER B 45 -7.56 11.41 17.37
CA SER B 45 -6.36 10.60 17.14
C SER B 45 -5.91 10.75 15.68
N HIS B 46 -5.72 9.64 14.95
CA HIS B 46 -5.23 9.65 13.57
C HIS B 46 -6.16 10.35 12.59
N ALA B 47 -7.46 10.35 12.86
CA ALA B 47 -8.47 10.97 12.00
C ALA B 47 -8.78 12.42 12.35
N LYS B 48 -8.11 13.01 13.35
CA LYS B 48 -8.36 14.39 13.73
C LYS B 48 -7.90 15.38 12.66
N SER B 49 -8.65 16.49 12.53
CA SER B 49 -8.29 17.51 11.56
C SER B 49 -8.85 18.86 12.01
N PHE B 50 -8.02 19.90 11.86
CA PHE B 50 -8.35 21.27 12.23
C PHE B 50 -8.64 22.09 10.98
N VAL B 51 -9.37 23.19 11.17
CA VAL B 51 -9.71 24.11 10.09
C VAL B 51 -9.35 25.53 10.54
N MET B 52 -8.40 26.16 9.85
CA MET B 52 -7.96 27.51 10.16
C MET B 52 -8.47 28.47 9.10
N SER B 53 -8.62 29.74 9.50
CA SER B 53 -9.11 30.78 8.60
C SER B 53 -8.38 32.08 8.90
N VAL B 54 -8.43 32.99 7.92
CA VAL B 54 -7.78 34.29 8.01
C VAL B 54 -8.53 35.23 7.07
N VAL B 55 -8.33 36.53 7.27
CA VAL B 55 -8.98 37.52 6.42
C VAL B 55 -7.98 38.60 6.01
N VAL B 56 -7.45 38.47 4.80
CA VAL B 56 -6.50 39.43 4.25
C VAL B 56 -7.21 40.19 3.13
N ASP B 57 -7.21 41.51 3.26
CA ASP B 57 -7.86 42.43 2.30
C ASP B 57 -9.35 42.14 2.14
N GLY B 58 -9.98 41.62 3.20
CA GLY B 58 -11.41 41.34 3.23
C GLY B 58 -11.87 39.95 2.85
N GLN B 59 -11.07 39.16 2.13
CA GLN B 59 -11.52 37.82 1.76
C GLN B 59 -11.45 36.86 2.95
N PHE B 60 -12.37 35.90 2.97
CA PHE B 60 -12.44 34.90 4.05
C PHE B 60 -11.78 33.60 3.59
N PHE B 61 -10.46 33.58 3.64
CA PHE B 61 -9.70 32.39 3.25
C PHE B 61 -9.75 31.32 4.33
N GLU B 62 -9.60 30.06 3.92
CA GLU B 62 -9.67 28.96 4.87
C GLU B 62 -8.86 27.77 4.33
N GLY B 63 -8.50 26.87 5.24
CA GLY B 63 -7.74 25.66 4.92
C GLY B 63 -7.97 24.61 6.00
N SER B 64 -7.41 23.42 5.76
CA SER B 64 -7.59 22.34 6.73
C SER B 64 -6.42 21.36 6.68
N GLY B 65 -6.19 20.69 7.81
CA GLY B 65 -5.14 19.70 7.97
C GLY B 65 -5.31 19.05 9.33
N ARG B 66 -4.58 17.94 9.54
CA ARG B 66 -4.70 17.24 10.81
C ARG B 66 -4.14 18.06 11.97
N ASN B 67 -3.14 18.90 11.71
CA ASN B 67 -2.57 19.77 12.72
C ASN B 67 -2.84 21.21 12.28
N LYS B 68 -2.96 22.12 13.24
CA LYS B 68 -3.30 23.49 12.85
C LYS B 68 -2.24 24.18 12.00
N LYS B 69 -0.96 23.84 12.18
CA LYS B 69 0.07 24.51 11.38
C LYS B 69 -0.07 24.13 9.90
N LEU B 70 -0.64 22.96 9.59
CA LEU B 70 -0.87 22.56 8.20
C LEU B 70 -2.07 23.31 7.64
N ALA B 71 -3.15 23.37 8.43
CA ALA B 71 -4.33 24.12 8.01
C ALA B 71 -3.98 25.59 7.89
N LYS B 72 -3.04 26.05 8.71
CA LYS B 72 -2.58 27.43 8.69
C LYS B 72 -1.96 27.72 7.33
N ALA B 73 -1.07 26.82 6.91
CA ALA B 73 -0.38 26.98 5.64
C ALA B 73 -1.35 26.90 4.48
N ARG B 74 -2.38 26.06 4.56
CA ARG B 74 -3.32 26.01 3.44
C ARG B 74 -4.20 27.26 3.38
N ALA B 75 -4.57 27.81 4.53
CA ALA B 75 -5.36 29.04 4.48
C ALA B 75 -4.51 30.17 3.91
N ALA B 76 -3.24 30.25 4.34
CA ALA B 76 -2.36 31.27 3.80
C ALA B 76 -2.07 31.02 2.33
N GLN B 77 -2.10 29.75 1.90
CA GLN B 77 -1.86 29.42 0.50
C GLN B 77 -3.01 29.93 -0.37
N SER B 78 -4.25 29.67 0.05
CA SER B 78 -5.37 30.16 -0.73
C SER B 78 -5.38 31.68 -0.74
N ALA B 79 -4.94 32.30 0.36
CA ALA B 79 -4.90 33.76 0.41
C ALA B 79 -3.86 34.31 -0.57
N LEU B 80 -2.66 33.72 -0.56
CA LEU B 80 -1.60 34.16 -1.47
C LEU B 80 -1.98 33.92 -2.92
N ALA B 81 -2.73 32.86 -3.20
CA ALA B 81 -3.13 32.59 -4.59
C ALA B 81 -4.20 33.55 -5.06
N ALA B 82 -5.25 33.75 -4.26
CA ALA B 82 -6.33 34.65 -4.66
C ALA B 82 -5.92 36.12 -4.68
N ILE B 83 -4.95 36.54 -3.86
CA ILE B 83 -4.58 37.94 -3.86
C ILE B 83 -3.30 38.22 -4.66
N PHE B 84 -2.45 37.22 -4.86
CA PHE B 84 -1.22 37.33 -5.65
C PHE B 84 -1.13 36.19 -6.66
N ASN B 85 -0.18 35.26 -6.49
CA ASN B 85 -0.04 34.15 -7.41
C ASN B 85 0.15 32.82 -6.66
N LEU B 86 0.08 31.75 -7.44
CA LEU B 86 0.20 30.38 -6.94
C LEU B 86 1.61 30.09 -6.42
N HIS B 87 1.65 29.23 -5.39
CA HIS B 87 2.87 28.81 -4.70
C HIS B 87 3.73 27.89 -5.58
N LEU B 88 4.70 27.22 -4.94
CA LEU B 88 5.65 26.29 -5.57
C LEU B 88 4.96 24.93 -5.77
N ASP B 89 4.01 24.92 -6.70
CA ASP B 89 3.23 23.73 -6.99
C ASP B 89 4.07 22.62 -7.64
N GLN B 90 3.84 21.39 -7.18
CA GLN B 90 4.53 20.20 -7.70
C GLN B 90 3.97 19.84 -9.08
N THR B 91 4.84 19.39 -9.99
CA THR B 91 4.36 19.01 -11.33
C THR B 91 3.34 17.87 -11.35
N PRO B 92 3.53 16.72 -10.65
CA PRO B 92 2.50 15.66 -10.71
C PRO B 92 1.15 16.12 -10.19
N SER B 93 1.13 17.11 -9.30
CA SER B 93 -0.10 17.65 -8.74
C SER B 93 -0.95 18.35 -9.79
N ARG B 94 -0.37 18.72 -10.94
CA ARG B 94 -1.13 19.39 -11.99
C ARG B 94 -2.22 18.47 -12.55
N GLN B 95 -3.33 19.07 -12.96
CA GLN B 95 -4.52 18.34 -13.42
C GLN B 95 -4.65 18.21 -14.93
N PRO B 96 -4.70 16.96 -15.50
CA PRO B 96 -4.98 16.83 -16.93
C PRO B 96 -6.41 17.30 -17.15
N ILE B 97 -6.54 18.39 -17.89
CA ILE B 97 -7.82 19.05 -18.15
C ILE B 97 -8.72 18.18 -19.03
N PRO B 98 -10.04 18.38 -18.99
CA PRO B 98 -10.93 17.54 -19.80
C PRO B 98 -10.66 17.70 -21.29
N SER B 99 -10.82 16.58 -22.00
CA SER B 99 -10.59 16.56 -23.45
C SER B 99 -11.54 17.52 -24.16
N GLU B 100 -12.72 17.76 -23.61
CA GLU B 100 -13.70 18.65 -24.18
C GLU B 100 -14.72 18.97 -23.09
N GLY B 101 -15.50 20.04 -23.29
CA GLY B 101 -16.50 20.43 -22.31
C GLY B 101 -16.03 21.25 -21.13
N LEU B 102 -14.97 22.04 -21.29
CA LEU B 102 -14.44 22.88 -20.21
C LEU B 102 -15.33 24.10 -19.98
N GLN B 103 -16.44 23.89 -19.24
CA GLN B 103 -17.36 24.97 -18.96
C GLN B 103 -17.58 25.25 -17.47
N LEU B 104 -17.31 24.29 -16.59
CA LEU B 104 -17.54 24.50 -15.16
C LEU B 104 -16.34 25.20 -14.51
N HIS B 105 -16.13 26.45 -14.94
CA HIS B 105 -15.06 27.31 -14.44
C HIS B 105 -13.69 26.64 -14.43
N LEU B 106 -12.74 27.22 -13.70
CA LEU B 106 -11.39 26.68 -13.64
C LEU B 106 -11.38 25.33 -12.93
N PRO B 107 -10.53 24.39 -13.37
CA PRO B 107 -10.55 23.05 -12.75
C PRO B 107 -10.29 23.01 -11.25
N GLN B 108 -9.43 23.86 -10.68
CA GLN B 108 -9.22 23.78 -9.24
C GLN B 108 -10.42 24.31 -8.47
N VAL B 109 -11.08 25.34 -8.98
CA VAL B 109 -12.24 25.84 -8.26
C VAL B 109 -13.35 24.79 -8.29
N LEU B 110 -13.50 24.09 -9.41
CA LEU B 110 -14.51 23.05 -9.49
C LEU B 110 -14.16 21.89 -8.58
N ALA B 111 -12.86 21.56 -8.48
CA ALA B 111 -12.43 20.46 -7.63
C ALA B 111 -12.70 20.76 -6.17
N ASP B 112 -12.28 21.94 -5.72
CA ASP B 112 -12.51 22.29 -4.32
C ASP B 112 -13.99 22.43 -4.02
N ALA B 113 -14.79 22.85 -5.01
CA ALA B 113 -16.23 22.98 -4.79
C ALA B 113 -16.90 21.62 -4.61
N VAL B 114 -16.63 20.68 -5.53
CA VAL B 114 -17.27 19.37 -5.36
C VAL B 114 -16.75 18.68 -4.10
N SER B 115 -15.48 18.93 -3.73
CA SER B 115 -14.94 18.31 -2.53
C SER B 115 -15.64 18.84 -1.28
N ARG B 116 -15.76 20.17 -1.15
CA ARG B 116 -16.46 20.69 0.03
C ARG B 116 -17.92 20.30 0.03
N LEU B 117 -18.53 20.19 -1.15
CA LEU B 117 -19.94 19.83 -1.17
C LEU B 117 -20.15 18.40 -0.68
N VAL B 118 -19.30 17.47 -1.11
CA VAL B 118 -19.48 16.10 -0.63
C VAL B 118 -19.17 16.00 0.86
N LEU B 119 -18.12 16.69 1.33
CA LEU B 119 -17.81 16.61 2.75
C LEU B 119 -18.93 17.23 3.60
N GLY B 120 -19.53 18.31 3.13
CA GLY B 120 -20.60 18.92 3.90
C GLY B 120 -21.87 18.08 3.89
N LYS B 121 -22.18 17.45 2.75
CA LYS B 121 -23.37 16.64 2.77
C LYS B 121 -23.16 15.43 3.68
N PHE B 122 -21.94 14.90 3.72
CA PHE B 122 -21.67 13.79 4.63
C PHE B 122 -21.78 14.24 6.08
N GLY B 123 -21.40 15.49 6.36
CA GLY B 123 -21.53 16.00 7.72
C GLY B 123 -22.98 16.16 8.11
N ASP B 124 -23.84 16.53 7.15
CA ASP B 124 -25.26 16.63 7.45
C ASP B 124 -25.87 15.26 7.69
N LEU B 125 -25.46 14.28 6.87
CA LEU B 125 -25.99 12.93 6.98
C LEU B 125 -25.48 12.18 8.20
N THR B 126 -24.40 12.64 8.83
CA THR B 126 -23.88 11.97 10.01
C THR B 126 -24.04 12.80 11.27
N ASP B 127 -24.93 13.80 11.24
CA ASP B 127 -25.19 14.67 12.39
C ASP B 127 -23.90 15.35 12.83
N ASN B 128 -23.30 16.08 11.88
CA ASN B 128 -22.05 16.80 12.07
C ASN B 128 -20.91 15.86 12.49
N PHE B 129 -20.79 14.75 11.76
CA PHE B 129 -19.77 13.72 11.95
C PHE B 129 -19.79 13.13 13.37
N SER B 130 -20.90 13.21 14.09
CA SER B 130 -20.96 12.64 15.43
C SER B 130 -21.53 11.22 15.46
N SER B 131 -22.25 10.81 14.43
CA SER B 131 -22.81 9.48 14.39
C SER B 131 -21.71 8.42 14.23
N PRO B 132 -21.95 7.19 14.70
CA PRO B 132 -20.92 6.15 14.59
C PRO B 132 -20.47 5.86 13.17
N HIS B 133 -21.35 6.03 12.19
CA HIS B 133 -20.98 5.74 10.82
C HIS B 133 -20.10 6.81 10.20
N ALA B 134 -19.88 7.92 10.90
CA ALA B 134 -18.99 8.95 10.38
C ALA B 134 -17.56 8.46 10.28
N ARG B 135 -17.14 7.51 11.13
CA ARG B 135 -15.77 6.99 11.02
C ARG B 135 -15.68 6.17 9.75
N ARG B 136 -14.74 6.52 8.89
CA ARG B 136 -14.62 5.81 7.62
C ARG B 136 -13.23 6.06 7.05
N LYS B 137 -12.84 5.21 6.11
CA LYS B 137 -11.56 5.40 5.45
C LYS B 137 -11.77 6.20 4.18
N VAL B 138 -12.57 5.67 3.26
CA VAL B 138 -12.83 6.30 1.98
C VAL B 138 -14.24 6.87 1.93
N LEU B 139 -14.33 8.09 1.41
CA LEU B 139 -15.58 8.81 1.18
C LEU B 139 -15.70 9.06 -0.31
N ALA B 140 -16.91 8.95 -0.85
CA ALA B 140 -17.13 9.18 -2.25
C ALA B 140 -18.44 9.91 -2.45
N GLY B 141 -18.59 10.49 -3.64
CA GLY B 141 -19.80 11.21 -3.97
C GLY B 141 -19.89 11.75 -5.37
N VAL B 142 -21.12 11.87 -5.88
CA VAL B 142 -21.38 12.40 -7.20
C VAL B 142 -22.02 13.77 -7.06
N VAL B 143 -21.53 14.74 -7.82
CA VAL B 143 -22.05 16.10 -7.79
C VAL B 143 -22.57 16.43 -9.17
N MET B 144 -23.67 17.16 -9.25
CA MET B 144 -24.23 17.53 -10.54
C MET B 144 -24.19 19.05 -10.73
N THR B 145 -23.77 19.44 -11.92
CA THR B 145 -23.70 20.84 -12.32
C THR B 145 -24.61 20.97 -13.53
N THR B 146 -25.45 21.98 -13.54
CA THR B 146 -26.36 22.19 -14.65
C THR B 146 -26.05 23.48 -15.41
N GLY B 147 -25.03 24.23 -15.01
CA GLY B 147 -24.74 25.45 -15.72
C GLY B 147 -23.29 25.86 -15.55
N THR B 148 -22.94 26.94 -16.23
CA THR B 148 -21.57 27.45 -16.20
C THR B 148 -21.17 27.90 -14.79
N ASP B 149 -22.12 28.43 -14.02
CA ASP B 149 -21.81 28.89 -12.68
C ASP B 149 -21.65 27.71 -11.71
N VAL B 150 -20.74 27.86 -10.76
CA VAL B 150 -20.51 26.81 -9.77
C VAL B 150 -21.54 26.84 -8.65
N LYS B 151 -22.32 27.92 -8.52
CA LYS B 151 -23.34 27.96 -7.48
C LYS B 151 -24.44 26.93 -7.72
N ASP B 152 -24.57 26.44 -8.95
CA ASP B 152 -25.60 25.51 -9.40
C ASP B 152 -25.31 24.05 -9.04
N ALA B 153 -24.26 23.77 -8.27
CA ALA B 153 -23.97 22.38 -7.92
C ALA B 153 -25.02 21.81 -6.98
N LYS B 154 -25.28 20.51 -7.12
CA LYS B 154 -26.25 19.77 -6.31
C LYS B 154 -25.67 18.39 -6.02
N VAL B 155 -25.51 18.05 -4.74
CA VAL B 155 -25.00 16.73 -4.42
C VAL B 155 -26.04 15.71 -4.84
N ILE B 156 -25.60 14.65 -5.51
CA ILE B 156 -26.50 13.61 -5.99
C ILE B 156 -26.41 12.36 -5.12
N SER B 157 -25.21 12.01 -4.68
CA SER B 157 -25.02 10.82 -3.86
C SER B 157 -23.76 10.95 -3.02
N VAL B 158 -23.77 10.27 -1.88
CA VAL B 158 -22.67 10.28 -0.94
C VAL B 158 -22.51 8.85 -0.43
N SER B 159 -21.27 8.39 -0.33
CA SER B 159 -21.07 7.02 0.12
C SER B 159 -19.70 6.83 0.73
N THR B 160 -19.60 5.73 1.47
CA THR B 160 -18.39 5.30 2.13
C THR B 160 -18.32 3.79 1.98
N GLY B 161 -17.12 3.26 2.08
CA GLY B 161 -16.92 1.83 1.99
C GLY B 161 -15.56 1.49 1.43
N THR B 162 -15.06 0.33 1.84
CA THR B 162 -13.75 -0.09 1.33
C THR B 162 -13.60 -1.61 1.37
N LYS B 163 -14.68 -2.38 1.49
CA LYS B 163 -14.64 -3.83 1.57
C LYS B 163 -15.61 -4.44 0.55
N CYS B 164 -15.45 -5.75 0.30
CA CYS B 164 -16.23 -6.51 -0.65
C CYS B 164 -16.93 -7.69 0.01
N ILE B 165 -18.00 -8.16 -0.64
CA ILE B 165 -18.76 -9.26 -0.09
C ILE B 165 -17.92 -10.52 -0.01
N ASN B 166 -18.14 -11.26 1.05
CA ASN B 166 -17.46 -12.53 1.26
C ASN B 166 -18.03 -13.54 0.28
N GLY B 167 -17.20 -14.51 -0.12
CA GLY B 167 -17.65 -15.49 -1.08
C GLY B 167 -18.84 -16.32 -0.62
N GLU B 168 -18.94 -16.58 0.68
CA GLU B 168 -20.06 -17.39 1.15
C GLU B 168 -21.37 -16.62 1.25
N TYR B 169 -21.35 -15.29 1.12
CA TYR B 169 -22.56 -14.50 1.23
C TYR B 169 -23.17 -14.11 -0.12
N MET B 170 -22.74 -14.76 -1.20
CA MET B 170 -23.28 -14.45 -2.52
C MET B 170 -24.77 -14.76 -2.60
N SER B 171 -25.50 -13.92 -3.32
CA SER B 171 -26.92 -14.13 -3.51
C SER B 171 -27.19 -14.61 -4.93
N ASP B 172 -27.97 -15.68 -5.06
CA ASP B 172 -28.33 -16.18 -6.37
C ASP B 172 -29.54 -15.42 -6.94
N ARG B 173 -30.14 -14.51 -6.15
CA ARG B 173 -31.30 -13.74 -6.61
C ARG B 173 -31.12 -12.22 -6.46
N GLY B 174 -29.88 -11.73 -6.49
CA GLY B 174 -29.64 -10.28 -6.47
C GLY B 174 -29.90 -9.52 -5.19
N LEU B 175 -29.97 -10.19 -4.04
CA LEU B 175 -30.24 -9.50 -2.80
C LEU B 175 -28.99 -9.01 -2.05
N ALA B 176 -27.78 -9.28 -2.54
CA ALA B 176 -26.59 -8.87 -1.81
C ALA B 176 -25.61 -8.09 -2.68
N LEU B 177 -25.15 -6.95 -2.18
CA LEU B 177 -24.17 -6.15 -2.90
C LEU B 177 -22.83 -6.88 -2.94
N ASN B 178 -22.19 -6.87 -4.10
CA ASN B 178 -20.90 -7.56 -4.22
C ASN B 178 -19.72 -6.67 -3.86
N ASP B 179 -19.77 -5.40 -4.25
CA ASP B 179 -18.69 -4.45 -4.06
C ASP B 179 -19.20 -3.24 -3.30
N CYS B 180 -18.62 -2.97 -2.13
CA CYS B 180 -19.03 -1.83 -1.34
C CYS B 180 -18.00 -0.72 -1.29
N HIS B 181 -16.99 -0.72 -2.16
CA HIS B 181 -16.06 0.39 -2.14
C HIS B 181 -16.85 1.65 -2.43
N ALA B 182 -16.46 2.73 -1.77
CA ALA B 182 -17.20 3.99 -1.85
C ALA B 182 -17.55 4.43 -3.27
N GLU B 183 -16.57 4.47 -4.18
CA GLU B 183 -16.89 4.95 -5.51
C GLU B 183 -17.91 4.06 -6.21
N ILE B 184 -17.86 2.75 -5.98
CA ILE B 184 -18.82 1.86 -6.61
C ILE B 184 -20.23 2.14 -6.09
N ILE B 185 -20.35 2.30 -4.76
CA ILE B 185 -21.65 2.58 -4.17
C ILE B 185 -22.16 3.93 -4.65
N SER B 186 -21.24 4.88 -4.88
CA SER B 186 -21.69 6.18 -5.36
C SER B 186 -22.29 6.05 -6.76
N ARG B 187 -21.69 5.20 -7.61
CA ARG B 187 -22.28 5.05 -8.95
C ARG B 187 -23.65 4.40 -8.86
N ARG B 188 -23.80 3.41 -7.98
CA ARG B 188 -25.12 2.79 -7.86
C ARG B 188 -26.15 3.80 -7.37
N SER B 189 -25.75 4.71 -6.47
CA SER B 189 -26.69 5.74 -6.04
C SER B 189 -27.01 6.68 -7.18
N LEU B 190 -26.04 6.93 -8.06
CA LEU B 190 -26.32 7.78 -9.21
C LEU B 190 -27.34 7.11 -10.10
N LEU B 191 -27.29 5.78 -10.18
CA LEU B 191 -28.29 5.05 -10.98
C LEU B 191 -29.68 5.23 -10.38
N ARG B 192 -29.75 5.29 -9.04
CA ARG B 192 -31.04 5.51 -8.40
C ARG B 192 -31.58 6.90 -8.78
N PHE B 193 -30.68 7.89 -8.81
CA PHE B 193 -31.09 9.25 -9.20
C PHE B 193 -31.54 9.29 -10.66
N LEU B 194 -30.88 8.52 -11.53
CA LEU B 194 -31.25 8.50 -12.94
C LEU B 194 -32.62 7.87 -13.13
N TYR B 195 -32.93 6.81 -12.38
CA TYR B 195 -34.25 6.20 -12.48
C TYR B 195 -35.30 7.19 -12.00
N THR B 196 -34.96 7.95 -10.96
CA THR B 196 -35.91 8.95 -10.46
C THR B 196 -36.17 10.02 -11.49
N GLN B 197 -35.14 10.46 -12.20
CA GLN B 197 -35.34 11.49 -13.22
C GLN B 197 -36.15 10.98 -14.39
N LEU B 198 -35.96 9.71 -14.77
CA LEU B 198 -36.76 9.19 -15.86
C LEU B 198 -38.22 9.13 -15.46
N GLU B 199 -38.50 8.66 -14.24
CA GLU B 199 -39.88 8.62 -13.78
C GLU B 199 -40.44 10.03 -13.60
N LEU B 200 -39.58 11.00 -13.30
CA LEU B 200 -40.01 12.38 -13.16
C LEU B 200 -40.48 12.92 -14.50
N TYR B 201 -39.80 12.52 -15.57
CA TYR B 201 -40.22 12.97 -16.90
C TYR B 201 -41.48 12.25 -17.34
N LEU B 202 -41.53 10.92 -17.14
CA LEU B 202 -42.64 10.08 -17.57
C LEU B 202 -43.91 10.18 -16.73
N ASN B 203 -43.85 10.69 -15.50
CA ASN B 203 -45.06 10.72 -14.70
C ASN B 203 -45.96 11.92 -14.94
N ASN B 204 -45.47 12.95 -15.63
CA ASN B 204 -46.31 14.12 -15.87
C ASN B 204 -45.69 14.94 -16.99
N LYS B 205 -46.54 15.59 -17.80
CA LYS B 205 -46.01 16.42 -18.86
C LYS B 205 -45.38 17.70 -18.33
N ASP B 206 -46.00 18.30 -17.29
CA ASP B 206 -45.45 19.53 -16.71
C ASP B 206 -44.12 19.29 -16.01
N ASP B 207 -43.86 18.08 -15.54
CA ASP B 207 -42.61 17.78 -14.87
C ASP B 207 -41.46 17.51 -15.83
N GLN B 208 -41.73 17.43 -17.14
CA GLN B 208 -40.64 17.15 -18.08
C GLN B 208 -39.60 18.26 -18.09
N LYS B 209 -40.00 19.51 -17.86
CA LYS B 209 -39.04 20.60 -17.81
C LYS B 209 -38.11 20.49 -16.60
N ARG B 210 -38.58 19.90 -15.52
CA ARG B 210 -37.77 19.74 -14.32
C ARG B 210 -36.83 18.54 -14.37
N SER B 211 -37.07 17.60 -15.29
CA SER B 211 -36.23 16.41 -15.40
C SER B 211 -34.92 16.76 -16.07
N ILE B 212 -33.88 15.96 -15.79
CA ILE B 212 -32.58 16.19 -16.42
C ILE B 212 -32.52 15.60 -17.82
N PHE B 213 -33.55 14.85 -18.22
CA PHE B 213 -33.61 14.18 -19.51
C PHE B 213 -34.45 14.94 -20.53
N GLN B 214 -34.29 14.49 -21.78
CA GLN B 214 -34.95 14.99 -22.98
C GLN B 214 -35.09 13.82 -23.94
N LYS B 215 -36.09 13.88 -24.80
CA LYS B 215 -36.20 12.83 -25.81
C LYS B 215 -35.05 13.05 -26.80
N SER B 216 -34.44 11.98 -27.26
CA SER B 216 -33.33 12.14 -28.19
C SER B 216 -33.81 11.96 -29.62
N GLU B 217 -33.18 12.69 -30.54
CA GLU B 217 -33.51 12.61 -31.96
C GLU B 217 -33.23 11.22 -32.51
N ARG B 218 -32.34 10.48 -31.85
CA ARG B 218 -31.94 9.11 -32.19
C ARG B 218 -32.79 8.08 -31.48
N GLY B 219 -33.81 8.50 -30.73
CA GLY B 219 -34.68 7.61 -29.99
C GLY B 219 -34.28 7.49 -28.54
N GLY B 220 -35.25 7.10 -27.71
CA GLY B 220 -34.94 7.00 -26.28
C GLY B 220 -34.80 8.38 -25.65
N PHE B 221 -33.92 8.48 -24.66
CA PHE B 221 -33.68 9.73 -23.96
C PHE B 221 -32.19 10.04 -23.90
N ARG B 222 -31.91 11.31 -23.65
CA ARG B 222 -30.54 11.77 -23.49
C ARG B 222 -30.57 12.94 -22.51
N LEU B 223 -29.43 13.17 -21.88
CA LEU B 223 -29.30 14.24 -20.90
C LEU B 223 -29.58 15.61 -21.50
N LYS B 224 -30.19 16.47 -20.70
CA LYS B 224 -30.44 17.83 -21.12
C LYS B 224 -29.11 18.54 -21.26
N GLU B 225 -29.11 19.58 -22.09
CA GLU B 225 -27.87 20.31 -22.36
C GLU B 225 -27.22 20.80 -21.08
N ASN B 226 -25.89 20.68 -21.05
CA ASN B 226 -25.01 21.11 -19.96
C ASN B 226 -25.28 20.44 -18.61
N VAL B 227 -25.84 19.23 -18.59
CA VAL B 227 -26.01 18.52 -17.33
C VAL B 227 -24.75 17.68 -17.18
N GLN B 228 -24.07 17.81 -16.04
CA GLN B 228 -22.82 17.09 -15.86
C GLN B 228 -22.70 16.48 -14.47
N PHE B 229 -22.09 15.30 -14.42
CA PHE B 229 -21.83 14.56 -13.21
C PHE B 229 -20.33 14.54 -12.95
N HIS B 230 -19.95 14.70 -11.69
CA HIS B 230 -18.55 14.73 -11.29
C HIS B 230 -18.39 13.73 -10.15
N LEU B 231 -17.33 12.93 -10.23
CA LEU B 231 -17.06 11.93 -9.21
C LEU B 231 -15.97 12.42 -8.27
N TYR B 232 -16.17 12.23 -6.97
CA TYR B 232 -15.20 12.61 -5.95
C TYR B 232 -14.91 11.41 -5.07
N ILE B 233 -13.62 11.12 -4.87
CA ILE B 233 -13.18 10.03 -4.00
C ILE B 233 -12.17 10.63 -3.03
N SER B 234 -12.22 10.21 -1.78
CA SER B 234 -11.31 10.77 -0.79
C SER B 234 -9.86 10.34 -1.06
N THR B 235 -9.65 9.32 -1.88
CA THR B 235 -8.30 8.87 -2.22
C THR B 235 -8.35 8.31 -3.63
N SER B 236 -7.17 8.04 -4.18
CA SER B 236 -7.09 7.50 -5.52
C SER B 236 -7.77 6.14 -5.53
N PRO B 237 -8.44 5.77 -6.63
CA PRO B 237 -9.14 4.48 -6.67
C PRO B 237 -8.18 3.31 -6.50
N CYS B 238 -8.66 2.28 -5.81
CA CYS B 238 -7.82 1.11 -5.58
C CYS B 238 -7.51 0.48 -6.92
N GLY B 239 -6.31 -0.08 -7.04
CA GLY B 239 -5.89 -0.68 -8.27
C GLY B 239 -4.73 0.10 -8.90
N ASP B 240 -4.75 0.16 -10.23
CA ASP B 240 -3.68 0.77 -10.99
C ASP B 240 -3.45 2.25 -10.70
N ALA B 241 -4.48 3.00 -10.33
CA ALA B 241 -4.28 4.41 -10.06
C ALA B 241 -3.45 4.67 -8.80
N ARG B 242 -3.37 3.69 -7.89
CA ARG B 242 -2.65 3.85 -6.64
C ARG B 242 -1.29 3.14 -6.59
N ILE B 243 -0.79 2.63 -7.71
CA ILE B 243 0.50 1.92 -7.70
C ILE B 243 1.67 2.86 -8.02
N PHE B 244 2.00 3.74 -7.09
CA PHE B 244 3.09 4.70 -7.27
C PHE B 244 3.61 5.12 -5.90
N SER B 245 4.77 5.76 -5.89
CA SER B 245 5.29 6.21 -4.61
C SER B 245 4.98 7.70 -4.49
N PRO B 246 4.09 8.11 -3.60
CA PRO B 246 3.74 9.53 -3.49
C PRO B 246 4.90 10.45 -3.18
N HIS B 247 5.91 10.00 -2.45
CA HIS B 247 7.00 10.89 -2.13
C HIS B 247 8.14 10.94 -3.16
N GLU B 248 8.07 10.17 -4.24
CA GLU B 248 9.09 10.23 -5.29
C GLU B 248 8.39 10.26 -6.65
N PRO B 249 7.70 11.34 -6.97
CA PRO B 249 7.06 11.45 -8.27
C PRO B 249 8.08 11.89 -9.32
N ILE B 250 7.77 11.62 -10.58
CA ILE B 250 8.65 11.99 -11.69
C ILE B 250 7.95 11.83 -13.03
N ALA B 263 3.48 2.03 -13.72
CA ALA B 263 4.07 2.18 -15.05
C ALA B 263 3.67 1.04 -16.01
N ARG B 264 2.71 0.21 -15.57
CA ARG B 264 2.18 -0.92 -16.33
C ARG B 264 0.72 -1.01 -15.92
N GLY B 265 -0.20 -0.52 -16.75
CA GLY B 265 -1.61 -0.54 -16.37
C GLY B 265 -2.35 -1.87 -16.33
N GLN B 266 -1.74 -2.87 -15.72
CA GLN B 266 -2.34 -4.20 -15.61
C GLN B 266 -3.62 -4.19 -14.79
N LEU B 267 -4.56 -5.04 -15.21
CA LEU B 267 -5.82 -5.20 -14.50
C LEU B 267 -5.57 -5.89 -13.16
N ARG B 268 -6.35 -5.52 -12.15
CA ARG B 268 -6.17 -6.09 -10.82
C ARG B 268 -7.52 -6.37 -10.18
N THR B 269 -7.53 -7.34 -9.27
CA THR B 269 -8.73 -7.73 -8.56
C THR B 269 -8.58 -7.46 -7.06
N LYS B 270 -9.67 -7.05 -6.42
CA LYS B 270 -9.66 -6.82 -4.98
C LYS B 270 -9.45 -8.15 -4.28
N ILE B 271 -8.55 -8.16 -3.31
CA ILE B 271 -8.27 -9.39 -2.58
C ILE B 271 -9.31 -9.61 -1.49
N GLU B 272 -9.55 -10.87 -1.18
CA GLU B 272 -10.42 -11.21 -0.08
C GLU B 272 -9.64 -11.00 1.21
N SER B 273 -10.36 -10.72 2.29
CA SER B 273 -9.74 -10.49 3.61
C SER B 273 -8.78 -9.31 3.65
N GLY B 274 -9.19 -8.17 3.14
CA GLY B 274 -8.32 -7.00 3.24
C GLY B 274 -8.44 -6.02 2.09
N GLN B 275 -8.02 -4.79 2.35
CA GLN B 275 -7.98 -3.71 1.37
C GLN B 275 -6.77 -3.89 0.46
N GLY B 276 -6.88 -3.39 -0.76
CA GLY B 276 -5.79 -3.52 -1.71
C GLY B 276 -6.15 -4.50 -2.83
N THR B 277 -5.32 -4.47 -3.87
CA THR B 277 -5.55 -5.28 -5.05
C THR B 277 -4.31 -6.07 -5.45
N ILE B 278 -4.54 -7.06 -6.31
CA ILE B 278 -3.52 -7.95 -6.87
C ILE B 278 -3.74 -8.04 -8.38
N PRO B 279 -2.69 -8.12 -9.19
CA PRO B 279 -2.89 -8.23 -10.64
C PRO B 279 -3.65 -9.49 -11.03
N VAL B 280 -4.47 -9.38 -12.07
CA VAL B 280 -5.21 -10.56 -12.51
C VAL B 280 -4.22 -11.55 -13.11
N ARG B 281 -4.42 -12.84 -12.83
CA ARG B 281 -3.51 -13.85 -13.37
C ARG B 281 -3.65 -14.00 -14.88
N SER B 282 -2.51 -14.16 -15.56
CA SER B 282 -2.52 -14.30 -17.00
C SER B 282 -3.16 -15.60 -17.47
N ASN B 283 -3.24 -16.63 -16.61
CA ASN B 283 -3.86 -17.92 -16.94
C ASN B 283 -4.81 -18.33 -15.81
N ALA B 284 -6.01 -17.73 -15.79
CA ALA B 284 -6.99 -18.05 -14.76
C ALA B 284 -8.38 -18.18 -15.37
N SER B 285 -9.04 -19.30 -15.09
CA SER B 285 -10.39 -19.63 -15.55
C SER B 285 -11.44 -18.82 -14.77
N ILE B 286 -12.61 -18.63 -15.42
CA ILE B 286 -13.70 -17.85 -14.84
C ILE B 286 -14.31 -18.50 -13.58
N GLN B 287 -14.82 -17.63 -12.71
CA GLN B 287 -15.45 -18.00 -11.45
C GLN B 287 -16.65 -18.91 -11.66
N THR B 288 -16.82 -19.89 -10.78
CA THR B 288 -17.94 -20.82 -10.81
C THR B 288 -18.75 -20.64 -9.53
N TRP B 289 -20.08 -20.71 -9.63
CA TRP B 289 -20.90 -20.51 -8.43
C TRP B 289 -20.64 -21.59 -7.38
N ASP B 290 -20.37 -22.83 -7.81
CA ASP B 290 -20.07 -23.87 -6.84
C ASP B 290 -18.65 -23.76 -6.32
N GLY B 291 -17.78 -23.03 -7.03
CA GLY B 291 -16.41 -22.83 -6.61
C GLY B 291 -16.21 -21.67 -5.66
N VAL B 292 -17.12 -20.69 -5.65
CA VAL B 292 -16.96 -19.56 -4.74
C VAL B 292 -17.23 -19.99 -3.30
N LEU B 293 -17.84 -21.17 -3.14
CA LEU B 293 -18.16 -21.78 -1.85
C LEU B 293 -17.29 -23.01 -1.58
N GLN B 294 -16.31 -23.30 -2.44
CA GLN B 294 -15.45 -24.48 -2.31
C GLN B 294 -13.97 -24.16 -2.17
N GLY B 295 -13.50 -23.02 -2.66
CA GLY B 295 -12.10 -22.66 -2.55
C GLY B 295 -11.75 -21.28 -3.04
N GLU B 296 -12.04 -21.00 -4.32
CA GLU B 296 -11.72 -19.69 -4.87
C GLU B 296 -12.51 -18.58 -4.17
N ARG B 297 -11.79 -17.52 -3.80
CA ARG B 297 -12.38 -16.35 -3.18
C ARG B 297 -13.01 -15.50 -4.28
N LEU B 298 -14.01 -14.69 -3.92
CA LEU B 298 -14.62 -13.85 -4.94
C LEU B 298 -13.60 -12.90 -5.55
N LEU B 299 -13.59 -12.82 -6.88
CA LEU B 299 -12.68 -11.94 -7.58
C LEU B 299 -13.46 -10.78 -8.19
N THR B 300 -13.42 -9.65 -7.53
CA THR B 300 -14.05 -8.42 -7.97
C THR B 300 -12.98 -7.57 -8.62
N MET B 301 -13.34 -6.81 -9.64
CA MET B 301 -12.33 -5.97 -10.26
C MET B 301 -12.04 -4.75 -9.39
N SER B 302 -10.80 -4.28 -9.48
CA SER B 302 -10.36 -3.11 -8.73
C SER B 302 -11.17 -1.89 -9.18
N CYS B 303 -11.32 -0.93 -8.28
CA CYS B 303 -12.11 0.23 -8.68
C CYS B 303 -11.51 0.97 -9.86
N SER B 304 -10.17 1.06 -9.97
CA SER B 304 -9.56 1.76 -11.10
C SER B 304 -10.05 1.18 -12.41
N ASP B 305 -10.06 -0.15 -12.51
CA ASP B 305 -10.54 -0.77 -13.74
C ASP B 305 -12.03 -0.48 -13.96
N LYS B 306 -12.82 -0.43 -12.89
CA LYS B 306 -14.24 -0.14 -13.06
C LYS B 306 -14.47 1.29 -13.53
N ILE B 307 -13.67 2.27 -13.06
CA ILE B 307 -13.89 3.62 -13.59
C ILE B 307 -13.43 3.70 -15.05
N ALA B 308 -12.36 2.96 -15.44
CA ALA B 308 -12.00 2.99 -16.85
C ALA B 308 -13.13 2.39 -17.69
N ARG B 309 -13.74 1.34 -17.14
CA ARG B 309 -14.86 0.70 -17.80
C ARG B 309 -15.99 1.70 -17.96
N TRP B 310 -16.25 2.51 -16.92
CA TRP B 310 -17.30 3.52 -17.02
C TRP B 310 -16.92 4.60 -18.02
N ASN B 311 -15.61 4.81 -18.22
CA ASN B 311 -15.16 5.81 -19.17
C ASN B 311 -15.36 5.32 -20.60
N VAL B 312 -15.59 4.02 -20.77
CA VAL B 312 -15.86 3.55 -22.13
C VAL B 312 -17.35 3.27 -22.32
N VAL B 313 -17.92 2.35 -21.53
CA VAL B 313 -19.34 2.01 -21.68
C VAL B 313 -20.30 2.96 -20.97
N GLY B 314 -19.80 3.93 -20.21
CA GLY B 314 -20.68 4.84 -19.52
C GLY B 314 -21.03 4.38 -18.12
N ILE B 315 -21.45 5.34 -17.31
CA ILE B 315 -21.79 5.09 -15.91
C ILE B 315 -23.20 4.55 -15.67
N GLN B 316 -24.07 4.55 -16.70
CA GLN B 316 -25.45 4.12 -16.51
C GLN B 316 -25.66 2.61 -16.51
N GLY B 317 -24.68 1.82 -16.91
CA GLY B 317 -24.88 0.38 -16.92
C GLY B 317 -25.64 -0.06 -18.15
N SER B 318 -25.89 -1.36 -18.22
CA SER B 318 -26.58 -1.89 -19.38
C SER B 318 -28.09 -1.61 -19.38
N LEU B 319 -28.78 -1.90 -18.27
CA LEU B 319 -30.23 -1.73 -18.24
C LEU B 319 -30.65 -0.31 -18.58
N LEU B 320 -30.03 0.69 -17.94
CA LEU B 320 -30.41 2.07 -18.24
C LEU B 320 -30.11 2.43 -19.69
N SER B 321 -29.12 1.79 -20.31
CA SER B 321 -28.80 2.11 -21.70
C SER B 321 -29.96 1.79 -22.62
N ILE B 322 -30.84 0.86 -22.22
CA ILE B 322 -32.00 0.53 -23.03
C ILE B 322 -32.94 1.74 -23.12
N PHE B 323 -32.86 2.67 -22.17
CA PHE B 323 -33.69 3.87 -22.13
C PHE B 323 -32.94 5.13 -22.51
N VAL B 324 -31.69 5.30 -22.08
CA VAL B 324 -30.96 6.54 -22.31
C VAL B 324 -29.63 6.28 -23.01
N GLU B 325 -29.12 7.36 -23.60
CA GLU B 325 -27.84 7.36 -24.28
C GLU B 325 -26.73 7.29 -23.24
N PRO B 326 -25.53 6.86 -23.62
CA PRO B 326 -24.46 6.73 -22.62
C PRO B 326 -24.14 8.05 -21.93
N ILE B 327 -23.85 7.95 -20.64
CA ILE B 327 -23.51 9.07 -19.77
C ILE B 327 -22.10 8.85 -19.25
N TYR B 328 -21.32 9.93 -19.18
CA TYR B 328 -19.94 9.83 -18.74
C TYR B 328 -19.65 10.90 -17.71
N PHE B 329 -18.74 10.58 -16.78
CA PHE B 329 -18.33 11.55 -15.79
C PHE B 329 -17.49 12.63 -16.46
N SER B 330 -17.71 13.88 -16.08
CA SER B 330 -16.93 14.95 -16.65
C SER B 330 -15.66 15.20 -15.86
N SER B 331 -15.62 14.78 -14.59
CA SER B 331 -14.47 15.01 -13.74
C SER B 331 -14.31 13.89 -12.73
N ILE B 332 -13.08 13.75 -12.25
CA ILE B 332 -12.70 12.77 -11.24
C ILE B 332 -11.80 13.54 -10.30
N ILE B 333 -12.31 13.91 -9.14
CA ILE B 333 -11.60 14.68 -8.12
C ILE B 333 -11.14 13.75 -7.02
N LEU B 334 -9.86 13.82 -6.68
CA LEU B 334 -9.29 12.99 -5.62
C LEU B 334 -8.95 13.83 -4.41
N GLY B 335 -9.36 13.36 -3.24
CA GLY B 335 -9.06 14.07 -2.01
C GLY B 335 -7.69 13.80 -1.44
N SER B 336 -6.96 12.86 -2.03
CA SER B 336 -5.61 12.51 -1.59
C SER B 336 -5.05 11.53 -2.60
N LEU B 337 -3.73 11.35 -2.54
CA LEU B 337 -3.01 10.43 -3.43
C LEU B 337 -3.22 10.77 -4.89
N TYR B 338 -3.32 12.06 -5.21
CA TYR B 338 -3.46 12.44 -6.60
C TYR B 338 -2.11 12.35 -7.32
N HIS B 339 -2.17 12.00 -8.61
CA HIS B 339 -0.98 11.94 -9.47
C HIS B 339 -1.49 11.93 -10.89
N GLY B 340 -1.12 12.95 -11.68
CA GLY B 340 -1.64 13.03 -13.03
C GLY B 340 -1.21 11.90 -13.97
N ASP B 341 0.04 11.46 -13.87
CA ASP B 341 0.50 10.40 -14.77
C ASP B 341 -0.17 9.07 -14.45
N HIS B 342 -0.15 8.66 -13.19
CA HIS B 342 -0.75 7.38 -12.83
C HIS B 342 -2.26 7.39 -12.97
N LEU B 343 -2.92 8.45 -12.48
CA LEU B 343 -4.37 8.47 -12.61
C LEU B 343 -4.81 8.54 -14.06
N SER B 344 -4.09 9.29 -14.91
CA SER B 344 -4.51 9.32 -16.31
C SER B 344 -4.27 7.97 -16.96
N ARG B 345 -3.19 7.29 -16.57
CA ARG B 345 -2.92 5.97 -17.13
C ARG B 345 -3.99 4.97 -16.72
N ALA B 346 -4.52 5.12 -15.51
CA ALA B 346 -5.55 4.18 -15.05
C ALA B 346 -6.93 4.51 -15.59
N MET B 347 -7.28 5.79 -15.67
CA MET B 347 -8.61 6.18 -16.14
C MET B 347 -8.81 6.03 -17.65
N TYR B 348 -7.75 6.12 -18.46
CA TYR B 348 -7.97 5.96 -19.90
C TYR B 348 -6.74 5.77 -20.80
N GLN B 349 -5.60 6.37 -20.49
CA GLN B 349 -4.46 6.23 -21.40
C GLN B 349 -4.05 4.77 -21.60
N ARG B 350 -4.24 3.91 -20.60
CA ARG B 350 -3.84 2.51 -20.79
C ARG B 350 -4.64 1.82 -21.88
N ILE B 351 -5.89 2.24 -22.13
CA ILE B 351 -6.67 1.57 -23.17
C ILE B 351 -7.01 2.52 -24.32
N SER B 352 -6.04 3.35 -24.71
CA SER B 352 -6.23 4.26 -25.83
C SER B 352 -6.27 3.51 -27.16
N ASN B 353 -5.86 2.23 -27.18
CA ASN B 353 -5.88 1.36 -28.36
C ASN B 353 -7.28 0.86 -28.69
N ILE B 354 -8.28 1.24 -27.89
CA ILE B 354 -9.64 0.81 -28.13
C ILE B 354 -10.11 1.33 -29.50
N GLU B 355 -10.95 0.55 -30.17
CA GLU B 355 -11.44 0.96 -31.47
C GLU B 355 -12.75 0.26 -31.81
N ASP B 356 -13.39 0.75 -32.87
CA ASP B 356 -14.66 0.22 -33.39
C ASP B 356 -15.78 0.29 -32.36
N LEU B 357 -15.84 1.40 -31.62
CA LEU B 357 -16.88 1.58 -30.63
C LEU B 357 -18.24 1.86 -31.29
N PRO B 358 -19.33 1.41 -30.66
CA PRO B 358 -20.66 1.66 -31.21
C PRO B 358 -20.96 3.15 -31.19
N PRO B 359 -21.85 3.64 -32.03
CA PRO B 359 -22.12 5.08 -32.05
C PRO B 359 -22.64 5.55 -30.68
N LEU B 360 -22.20 6.76 -30.31
CA LEU B 360 -22.47 7.46 -29.06
C LEU B 360 -21.44 7.08 -28.00
N TYR B 361 -20.86 5.88 -28.11
CA TYR B 361 -19.84 5.46 -27.17
C TYR B 361 -18.50 6.09 -27.52
N THR B 362 -17.66 6.28 -26.51
CA THR B 362 -16.35 6.90 -26.72
C THR B 362 -15.44 6.63 -25.54
N LEU B 363 -14.16 6.95 -25.74
CA LEU B 363 -13.14 6.85 -24.69
C LEU B 363 -13.17 8.16 -23.92
N ASN B 364 -13.90 8.19 -22.82
CA ASN B 364 -13.99 9.41 -22.02
C ASN B 364 -12.63 9.81 -21.48
N LYS B 365 -12.34 11.12 -21.52
CA LYS B 365 -11.11 11.68 -20.99
C LYS B 365 -11.54 12.82 -20.08
N PRO B 366 -12.09 12.49 -18.93
CA PRO B 366 -12.61 13.50 -18.00
C PRO B 366 -11.50 14.26 -17.31
N LEU B 367 -11.89 15.39 -16.72
CA LEU B 367 -10.96 16.18 -15.96
C LEU B 367 -10.50 15.37 -14.77
N LEU B 368 -9.21 15.41 -14.49
CA LEU B 368 -8.60 14.69 -13.38
C LEU B 368 -7.96 15.74 -12.49
N SER B 369 -8.23 15.70 -11.18
CA SER B 369 -7.64 16.72 -10.34
C SER B 369 -7.63 16.35 -8.88
N GLY B 370 -6.66 16.93 -8.17
CA GLY B 370 -6.54 16.80 -6.74
C GLY B 370 -7.28 17.97 -6.12
N ILE B 371 -7.05 18.20 -4.83
CA ILE B 371 -7.69 19.29 -4.12
C ILE B 371 -6.66 20.04 -3.29
N SER B 372 -7.00 21.28 -2.93
CA SER B 372 -6.12 22.13 -2.15
C SER B 372 -5.91 21.62 -0.72
N ASN B 373 -6.89 20.95 -0.13
CA ASN B 373 -6.79 20.46 1.24
C ASN B 373 -6.84 18.93 1.23
N ALA B 374 -5.75 18.31 0.78
CA ALA B 374 -5.70 16.85 0.72
C ALA B 374 -5.73 16.20 2.10
N GLU B 375 -6.44 15.08 2.19
CA GLU B 375 -6.55 14.32 3.44
C GLU B 375 -5.26 13.58 3.74
N ALA B 376 -4.99 13.38 5.02
CA ALA B 376 -3.83 12.63 5.45
C ALA B 376 -4.17 11.14 5.53
N ARG B 377 -3.14 10.31 5.44
CA ARG B 377 -3.31 8.87 5.54
C ARG B 377 -3.71 8.51 6.97
N GLN B 378 -4.62 7.54 7.11
CA GLN B 378 -5.06 7.10 8.42
C GLN B 378 -4.64 5.64 8.56
N PRO B 379 -3.49 5.38 9.16
CA PRO B 379 -3.07 3.99 9.33
C PRO B 379 -3.95 3.27 10.33
N GLY B 380 -4.79 2.36 9.84
CA GLY B 380 -5.65 1.61 10.72
C GLY B 380 -6.56 0.70 9.94
N LYS B 381 -7.24 -0.16 10.69
CA LYS B 381 -8.19 -1.11 10.11
C LYS B 381 -9.37 -0.38 9.48
N ALA B 382 -9.87 -0.95 8.40
CA ALA B 382 -11.01 -0.46 7.64
C ALA B 382 -12.35 -0.85 8.27
N PRO B 383 -13.35 0.02 8.19
CA PRO B 383 -14.69 -0.31 8.71
C PRO B 383 -15.34 -1.43 7.90
N ASN B 384 -16.19 -2.20 8.57
CA ASN B 384 -16.95 -3.26 7.91
C ASN B 384 -18.24 -2.76 7.28
N PHE B 385 -18.60 -1.50 7.50
CA PHE B 385 -19.83 -0.93 6.99
CA PHE B 385 -19.83 -0.95 6.97
C PHE B 385 -19.58 0.05 5.85
N SER B 386 -20.57 0.13 4.97
CA SER B 386 -20.59 1.00 3.81
C SER B 386 -21.83 1.88 3.94
N VAL B 387 -21.64 3.20 3.81
CA VAL B 387 -22.74 4.13 3.95
C VAL B 387 -23.16 4.63 2.57
N ASN B 388 -24.46 4.84 2.37
CA ASN B 388 -24.89 5.31 1.07
C ASN B 388 -26.11 6.22 1.22
N TRP B 389 -26.20 7.21 0.33
CA TRP B 389 -27.32 8.14 0.36
C TRP B 389 -27.43 8.76 -1.02
N THR B 390 -28.66 9.00 -1.44
CA THR B 390 -28.97 9.62 -2.72
C THR B 390 -29.89 10.79 -2.45
N VAL B 391 -29.80 11.81 -3.30
CA VAL B 391 -30.65 12.98 -3.14
C VAL B 391 -32.11 12.52 -3.14
N GLY B 392 -32.89 13.10 -2.24
CA GLY B 392 -34.28 12.75 -2.06
C GLY B 392 -34.50 11.73 -0.97
N ASP B 393 -33.47 10.97 -0.59
CA ASP B 393 -33.60 10.01 0.49
C ASP B 393 -33.67 10.74 1.80
N SER B 394 -34.47 10.21 2.73
CA SER B 394 -34.56 10.87 4.02
C SER B 394 -33.36 10.61 4.93
N ALA B 395 -32.57 9.56 4.69
CA ALA B 395 -31.42 9.26 5.54
C ALA B 395 -30.48 8.28 4.85
N ILE B 396 -29.30 8.11 5.44
CA ILE B 396 -28.32 7.18 4.90
C ILE B 396 -28.73 5.74 5.19
N GLU B 397 -28.21 4.84 4.36
CA GLU B 397 -28.38 3.40 4.47
C GLU B 397 -27.04 2.80 4.82
N VAL B 398 -27.00 1.97 5.87
CA VAL B 398 -25.79 1.30 6.33
C VAL B 398 -25.82 -0.14 5.84
N ILE B 399 -24.71 -0.59 5.24
CA ILE B 399 -24.60 -1.95 4.73
C ILE B 399 -23.38 -2.62 5.31
N ASN B 400 -23.51 -3.91 5.58
CA ASN B 400 -22.38 -4.72 6.03
C ASN B 400 -21.69 -5.17 4.74
N ALA B 401 -20.52 -4.58 4.45
CA ALA B 401 -19.82 -4.90 3.21
C ALA B 401 -19.43 -6.37 3.09
N THR B 402 -19.13 -7.04 4.21
CA THR B 402 -18.77 -8.45 4.11
C THR B 402 -19.96 -9.33 3.71
N THR B 403 -21.19 -8.92 4.05
CA THR B 403 -22.37 -9.70 3.69
C THR B 403 -23.22 -9.08 2.59
N GLY B 404 -22.92 -7.85 2.17
CA GLY B 404 -23.67 -7.20 1.12
C GLY B 404 -25.08 -6.80 1.49
N LYS B 405 -25.45 -6.87 2.78
CA LYS B 405 -26.78 -6.54 3.23
C LYS B 405 -26.67 -5.60 4.43
N ASP B 406 -27.81 -5.04 4.84
CA ASP B 406 -27.84 -4.10 5.95
C ASP B 406 -27.58 -4.81 7.28
N GLU B 407 -27.29 -4.00 8.32
CA GLU B 407 -26.95 -4.50 9.64
C GLU B 407 -28.01 -5.45 10.20
N LEU B 408 -29.21 -5.50 9.63
CA LEU B 408 -30.24 -6.40 10.13
C LEU B 408 -30.71 -7.40 9.07
N GLY B 409 -29.84 -7.71 8.10
CA GLY B 409 -30.05 -8.73 7.08
C GLY B 409 -30.98 -8.44 5.91
N ARG B 410 -31.36 -7.20 5.66
CA ARG B 410 -32.24 -6.88 4.54
C ARG B 410 -31.48 -6.43 3.30
N ALA B 411 -32.12 -6.63 2.14
CA ALA B 411 -31.54 -6.22 0.87
C ALA B 411 -31.45 -4.69 0.80
N SER B 412 -30.36 -4.21 0.22
CA SER B 412 -30.04 -2.79 0.05
C SER B 412 -30.80 -2.15 -1.09
N ARG B 413 -30.97 -0.81 -1.00
CA ARG B 413 -31.60 -0.08 -2.09
C ARG B 413 -30.77 -0.19 -3.37
N LEU B 414 -29.45 -0.36 -3.20
CA LEU B 414 -28.51 -0.46 -4.31
C LEU B 414 -28.32 -1.87 -4.85
N CYS B 415 -28.92 -2.90 -4.25
CA CYS B 415 -28.69 -4.25 -4.74
C CYS B 415 -29.33 -4.45 -6.11
N LYS B 416 -28.79 -5.41 -6.85
CA LYS B 416 -29.27 -5.70 -8.20
C LYS B 416 -30.79 -5.84 -8.27
N HIS B 417 -31.38 -6.57 -7.32
CA HIS B 417 -32.83 -6.78 -7.36
C HIS B 417 -33.60 -5.47 -7.22
N ALA B 418 -33.11 -4.55 -6.38
CA ALA B 418 -33.83 -3.29 -6.24
C ALA B 418 -33.70 -2.46 -7.52
N LEU B 419 -32.50 -2.44 -8.12
CA LEU B 419 -32.31 -1.69 -9.35
C LEU B 419 -33.20 -2.22 -10.45
N TYR B 420 -33.25 -3.55 -10.58
CA TYR B 420 -34.10 -4.15 -11.60
C TYR B 420 -35.56 -3.83 -11.33
N CYS B 421 -35.93 -3.68 -10.05
CA CYS B 421 -37.31 -3.33 -9.75
C CYS B 421 -37.61 -1.93 -10.27
N ARG B 422 -36.68 -0.99 -10.05
CA ARG B 422 -36.90 0.36 -10.56
C ARG B 422 -36.91 0.36 -12.09
N TRP B 423 -36.05 -0.47 -12.68
CA TRP B 423 -35.99 -0.53 -14.13
C TRP B 423 -37.28 -1.09 -14.68
N MET B 424 -37.86 -2.07 -13.98
CA MET B 424 -39.13 -2.64 -14.45
C MET B 424 -40.24 -1.61 -14.34
N ARG B 425 -40.18 -0.76 -13.31
CA ARG B 425 -41.18 0.29 -13.16
C ARG B 425 -41.10 1.26 -14.33
N VAL B 426 -39.87 1.64 -14.71
CA VAL B 426 -39.73 2.55 -15.85
C VAL B 426 -40.14 1.85 -17.15
N HIS B 427 -39.84 0.55 -17.27
CA HIS B 427 -40.18 -0.17 -18.49
C HIS B 427 -41.69 -0.26 -18.68
N GLY B 428 -42.45 -0.26 -17.59
CA GLY B 428 -43.88 -0.36 -17.78
C GLY B 428 -44.57 0.93 -18.12
N LYS B 429 -43.84 2.04 -18.22
CA LYS B 429 -44.42 3.34 -18.55
C LYS B 429 -44.01 3.88 -19.90
N VAL B 430 -42.83 3.49 -20.41
CA VAL B 430 -42.34 3.94 -21.70
C VAL B 430 -42.98 3.16 -22.84
N PRO B 431 -43.41 3.82 -23.91
CA PRO B 431 -43.98 3.09 -25.07
C PRO B 431 -42.89 2.24 -25.71
N SER B 432 -43.31 1.13 -26.34
CA SER B 432 -42.34 0.22 -26.95
C SER B 432 -41.48 0.92 -28.01
N HIS B 433 -42.04 1.91 -28.72
CA HIS B 433 -41.25 2.64 -29.71
C HIS B 433 -40.20 3.54 -29.06
N LEU B 434 -40.43 3.98 -27.82
CA LEU B 434 -39.48 4.84 -27.13
C LEU B 434 -38.18 4.12 -26.76
N LEU B 435 -38.22 2.79 -26.55
CA LEU B 435 -37.04 2.06 -26.13
C LEU B 435 -35.91 2.13 -27.14
N ARG B 436 -34.68 2.29 -26.64
CA ARG B 436 -33.49 2.33 -27.50
C ARG B 436 -33.09 0.94 -27.97
N SER B 437 -33.66 -0.10 -27.36
CA SER B 437 -33.38 -1.49 -27.67
C SER B 437 -34.69 -2.24 -27.47
N LYS B 438 -35.12 -3.02 -28.45
CA LYS B 438 -36.36 -3.76 -28.23
C LYS B 438 -36.16 -4.81 -27.14
N ILE B 439 -37.13 -4.93 -26.25
CA ILE B 439 -37.05 -5.88 -25.14
C ILE B 439 -38.46 -6.02 -24.57
N THR B 440 -39.35 -6.61 -25.35
CA THR B 440 -40.72 -6.80 -24.89
C THR B 440 -40.76 -7.92 -23.85
N LYS B 441 -41.64 -7.76 -22.86
CA LYS B 441 -41.89 -8.68 -21.75
C LYS B 441 -40.58 -9.18 -21.11
N PRO B 442 -39.83 -8.30 -20.46
CA PRO B 442 -38.61 -8.74 -19.78
C PRO B 442 -38.90 -9.69 -18.63
N ASN B 443 -37.98 -10.64 -18.40
CA ASN B 443 -38.16 -11.59 -17.31
C ASN B 443 -36.88 -11.72 -16.49
N VAL B 444 -36.02 -12.67 -16.86
CA VAL B 444 -34.77 -12.87 -16.12
C VAL B 444 -33.88 -11.65 -16.30
N TYR B 445 -33.18 -11.30 -15.22
CA TYR B 445 -32.31 -10.12 -15.17
C TYR B 445 -31.20 -10.16 -16.23
N HIS B 446 -30.52 -11.29 -16.37
CA HIS B 446 -29.43 -11.35 -17.33
C HIS B 446 -29.92 -11.16 -18.76
N GLU B 447 -31.11 -11.69 -19.09
CA GLU B 447 -31.60 -11.50 -20.45
C GLU B 447 -31.92 -10.03 -20.72
N SER B 448 -32.48 -9.33 -19.73
CA SER B 448 -32.78 -7.93 -19.96
C SER B 448 -31.48 -7.18 -20.19
N LYS B 449 -30.41 -7.58 -19.49
CA LYS B 449 -29.12 -6.93 -19.72
C LYS B 449 -28.61 -7.22 -21.12
N LEU B 450 -28.83 -8.45 -21.61
CA LEU B 450 -28.34 -8.81 -22.95
C LEU B 450 -29.12 -8.07 -24.02
N ALA B 451 -30.30 -7.56 -23.70
CA ALA B 451 -31.07 -6.81 -24.69
C ALA B 451 -30.34 -5.55 -25.14
N ALA B 452 -29.44 -5.01 -24.30
CA ALA B 452 -28.68 -3.80 -24.66
C ALA B 452 -27.54 -4.24 -25.57
N LYS B 453 -27.86 -4.38 -26.85
CA LYS B 453 -26.86 -4.86 -27.80
C LYS B 453 -25.67 -3.90 -27.93
N GLU B 454 -25.90 -2.59 -28.03
CA GLU B 454 -24.76 -1.68 -28.16
C GLU B 454 -23.88 -1.64 -26.92
N TYR B 455 -24.49 -1.68 -25.73
CA TYR B 455 -23.68 -1.65 -24.52
C TYR B 455 -22.82 -2.91 -24.45
N GLN B 456 -23.39 -4.04 -24.84
CA GLN B 456 -22.63 -5.28 -24.81
C GLN B 456 -21.48 -5.22 -25.83
N ALA B 457 -21.74 -4.59 -26.99
CA ALA B 457 -20.70 -4.49 -28.00
C ALA B 457 -19.56 -3.60 -27.53
N ALA B 458 -19.90 -2.49 -26.87
CA ALA B 458 -18.86 -1.62 -26.34
C ALA B 458 -18.06 -2.32 -25.25
N LYS B 459 -18.75 -3.13 -24.44
CA LYS B 459 -18.06 -3.86 -23.39
C LYS B 459 -17.10 -4.88 -24.00
N ALA B 460 -17.49 -5.47 -25.14
CA ALA B 460 -16.61 -6.41 -25.82
C ALA B 460 -15.38 -5.68 -26.37
N ARG B 461 -15.59 -4.45 -26.88
CA ARG B 461 -14.45 -3.68 -27.40
C ARG B 461 -13.48 -3.37 -26.27
N LEU B 462 -14.03 -3.04 -25.10
CA LEU B 462 -13.21 -2.71 -23.93
C LEU B 462 -12.41 -3.91 -23.47
N PHE B 463 -13.05 -5.09 -23.47
CA PHE B 463 -12.33 -6.28 -23.03
C PHE B 463 -11.20 -6.61 -23.99
N THR B 464 -11.45 -6.52 -25.32
CA THR B 464 -10.36 -6.81 -26.23
C THR B 464 -9.28 -5.73 -26.14
N ALA B 465 -9.64 -4.50 -25.78
CA ALA B 465 -8.61 -3.48 -25.66
C ALA B 465 -7.66 -3.83 -24.52
N PHE B 466 -8.22 -4.26 -23.39
CA PHE B 466 -7.37 -4.64 -22.26
C PHE B 466 -6.51 -5.86 -22.60
N ILE B 467 -7.04 -6.80 -23.38
CA ILE B 467 -6.24 -7.97 -23.70
C ILE B 467 -5.13 -7.60 -24.69
N LYS B 468 -5.48 -6.86 -25.74
CA LYS B 468 -4.50 -6.47 -26.74
C LYS B 468 -3.41 -5.61 -26.15
N ALA B 469 -3.70 -4.88 -25.07
CA ALA B 469 -2.67 -4.05 -24.47
C ALA B 469 -1.78 -4.84 -23.50
N GLY B 470 -2.06 -6.14 -23.29
CA GLY B 470 -1.26 -6.94 -22.37
C GLY B 470 -1.60 -6.74 -20.91
N LEU B 471 -2.71 -6.08 -20.61
CA LEU B 471 -3.16 -5.78 -19.26
C LEU B 471 -3.99 -6.88 -18.63
N GLY B 472 -4.22 -8.00 -19.33
CA GLY B 472 -5.01 -9.08 -18.78
C GLY B 472 -6.47 -9.02 -19.19
N ALA B 473 -7.14 -10.14 -18.96
CA ALA B 473 -8.56 -10.28 -19.28
C ALA B 473 -9.44 -9.91 -18.10
N TRP B 474 -10.57 -9.29 -18.39
CA TRP B 474 -11.51 -8.90 -17.36
C TRP B 474 -12.08 -10.15 -16.68
N VAL B 475 -12.21 -10.09 -15.36
CA VAL B 475 -12.77 -11.21 -14.61
C VAL B 475 -14.27 -10.96 -14.46
N GLU B 476 -15.06 -11.96 -14.85
CA GLU B 476 -16.51 -11.86 -14.76
C GLU B 476 -17.00 -12.84 -13.71
N LYS B 477 -18.03 -12.44 -12.97
CA LYS B 477 -18.60 -13.28 -11.93
C LYS B 477 -19.44 -14.38 -12.55
N PRO B 478 -19.69 -15.48 -11.80
CA PRO B 478 -20.46 -16.58 -12.38
C PRO B 478 -21.83 -16.06 -12.80
N THR B 479 -22.30 -16.58 -13.94
CA THR B 479 -23.56 -16.15 -14.52
C THR B 479 -24.76 -16.44 -13.63
N GLU B 480 -24.65 -17.41 -12.72
CA GLU B 480 -25.75 -17.72 -11.81
C GLU B 480 -26.09 -16.51 -10.95
N GLN B 481 -25.14 -15.58 -10.83
CA GLN B 481 -25.35 -14.36 -10.06
C GLN B 481 -26.51 -13.53 -10.63
N ASP B 482 -26.71 -13.58 -11.94
CA ASP B 482 -27.80 -12.83 -12.56
C ASP B 482 -28.91 -13.73 -13.09
N GLN B 483 -28.89 -15.02 -12.75
CA GLN B 483 -29.92 -15.96 -13.22
C GLN B 483 -31.11 -15.92 -12.26
N PHE B 484 -31.84 -14.80 -12.30
CA PHE B 484 -32.99 -14.63 -11.42
C PHE B 484 -34.01 -13.68 -12.04
N SER B 485 -35.27 -13.97 -11.78
CA SER B 485 -36.39 -13.16 -12.23
C SER B 485 -36.92 -12.40 -11.03
N LEU B 486 -37.66 -11.31 -11.30
CA LEU B 486 -38.22 -10.55 -10.19
C LEU B 486 -39.21 -11.39 -9.40
N THR B 487 -39.83 -12.37 -10.05
CA THR B 487 -40.77 -13.26 -9.41
C THR B 487 -40.05 -14.22 -8.47
#